data_8ZEV
#
_entry.id   8ZEV
#
_cell.length_a   108.130
_cell.length_b   108.130
_cell.length_c   221.310
_cell.angle_alpha   90.00
_cell.angle_beta   90.00
_cell.angle_gamma   120.00
#
_symmetry.space_group_name_H-M   'P 32 2 1'
#
loop_
_entity.id
_entity.type
_entity.pdbx_description
1 polymer 'Fatty acid synthase'
2 non-polymer 'IODIDE ION'
3 water water
#
_entity_poly.entity_id   1
_entity_poly.type   'polypeptide(L)'
_entity_poly.pdbx_seq_one_letter_code
;SENLYFQSAAIYNIDTSSESPDHYLVDHTLDGRVLFPATGYLSIVWKTLARALGLGVEQLPVVFEDVVLHQATILPKTGT
VSLEVRLLEASRAFEVSENGNLVVSGKVYQWDDPDPRLFDHPESPTPNPTEPLFLAQAEVYKELRLRGYDYGPHFQGILE
ASLEGDSGRLLWKDNWVSFMDTMLQMSILGSAKHGLYLPTRVTAIHIDPATHRQKLYTLQDKAQVADVVVSRWLRVTVAG
GVHISGLHTESA
;
_entity_poly.pdbx_strand_id   A,B,C,D
#
loop_
_chem_comp.id
_chem_comp.type
_chem_comp.name
_chem_comp.formula
IOD non-polymer 'IODIDE ION' 'I -1'
#
# COMPACT_ATOMS: atom_id res chain seq x y z
N SER A 1 -44.00 -11.48 -9.76
CA SER A 1 -42.60 -11.78 -10.05
C SER A 1 -42.28 -11.51 -11.51
N GLU A 2 -41.04 -11.11 -11.79
CA GLU A 2 -40.52 -11.10 -13.15
C GLU A 2 -40.00 -12.50 -13.44
N ASN A 3 -40.53 -13.14 -14.47
CA ASN A 3 -40.25 -14.55 -14.74
C ASN A 3 -39.42 -14.66 -16.00
N LEU A 4 -38.36 -15.48 -15.94
CA LEU A 4 -37.46 -15.72 -17.05
C LEU A 4 -37.46 -17.21 -17.36
N TYR A 5 -37.69 -17.57 -18.62
CA TYR A 5 -37.88 -18.97 -18.99
C TYR A 5 -36.75 -19.46 -19.90
N PHE A 6 -36.43 -20.75 -19.78
CA PHE A 6 -35.32 -21.36 -20.50
C PHE A 6 -35.75 -22.70 -21.10
N GLN A 7 -35.44 -22.88 -22.39
CA GLN A 7 -35.84 -24.08 -23.09
C GLN A 7 -35.02 -25.30 -22.69
N SER A 8 -33.85 -25.08 -22.09
CA SER A 8 -33.01 -26.23 -21.69
C SER A 8 -31.89 -25.62 -20.80
N ALA A 9 -31.29 -26.52 -20.03
CA ALA A 9 -30.17 -26.11 -19.17
C ALA A 9 -29.29 -27.31 -18.89
N ALA A 10 -28.07 -27.02 -18.44
CA ALA A 10 -27.11 -28.07 -18.11
C ALA A 10 -26.13 -27.52 -17.09
N ILE A 11 -25.64 -28.40 -16.21
CA ILE A 11 -24.67 -28.01 -15.20
C ILE A 11 -23.42 -28.87 -15.38
N TYR A 12 -22.26 -28.20 -15.46
CA TYR A 12 -20.97 -28.85 -15.66
C TYR A 12 -20.17 -28.65 -14.38
N ASN A 13 -19.92 -29.74 -13.67
CA ASN A 13 -19.16 -29.72 -12.42
C ASN A 13 -17.70 -30.00 -12.77
N ILE A 14 -16.83 -29.00 -12.60
CA ILE A 14 -15.46 -29.02 -13.05
C ILE A 14 -14.56 -29.36 -11.87
N ASP A 15 -13.80 -30.45 -12.02
CA ASP A 15 -12.80 -30.89 -11.02
C ASP A 15 -11.40 -30.94 -11.66
N THR A 16 -10.45 -30.19 -11.13
CA THR A 16 -9.09 -30.07 -11.71
C THR A 16 -8.09 -31.02 -11.05
N SER A 17 -8.57 -32.01 -10.33
CA SER A 17 -7.71 -32.99 -9.63
C SER A 17 -6.94 -33.83 -10.65
N SER A 18 -5.85 -34.46 -10.20
CA SER A 18 -4.93 -35.22 -11.08
C SER A 18 -5.63 -36.26 -11.95
N GLU A 19 -6.60 -36.97 -11.42
CA GLU A 19 -7.21 -38.06 -12.20
C GLU A 19 -8.41 -37.56 -13.00
N SER A 20 -8.83 -36.32 -12.80
CA SER A 20 -9.96 -35.77 -13.60
C SER A 20 -9.59 -35.55 -15.06
N PRO A 21 -10.51 -35.79 -15.99
CA PRO A 21 -10.27 -35.48 -17.39
C PRO A 21 -10.09 -33.97 -17.59
N ASP A 22 -10.44 -33.17 -16.59
CA ASP A 22 -10.32 -31.69 -16.68
C ASP A 22 -9.08 -31.21 -15.92
N HIS A 23 -8.20 -32.13 -15.55
CA HIS A 23 -6.96 -31.72 -14.91
C HIS A 23 -6.18 -30.74 -15.75
N TYR A 24 -6.26 -30.87 -17.09
CA TYR A 24 -5.50 -30.00 -17.99
C TYR A 24 -5.72 -28.53 -17.69
N LEU A 25 -6.86 -28.19 -17.12
CA LEU A 25 -7.19 -26.79 -16.83
C LEU A 25 -6.21 -26.14 -15.88
N VAL A 26 -5.48 -26.91 -15.07
CA VAL A 26 -4.52 -26.30 -14.16
C VAL A 26 -3.38 -25.60 -14.89
N ASP A 27 -3.22 -25.86 -16.18
CA ASP A 27 -2.14 -25.26 -16.96
C ASP A 27 -2.53 -23.93 -17.59
N HIS A 28 -3.66 -23.35 -17.20
CA HIS A 28 -4.10 -22.07 -17.75
C HIS A 28 -4.04 -21.04 -16.63
N THR A 29 -2.85 -20.45 -16.40
CA THR A 29 -2.66 -19.53 -15.29
C THR A 29 -2.39 -18.13 -15.84
N LEU A 30 -3.15 -17.16 -15.38
CA LEU A 30 -3.05 -15.77 -15.83
C LEU A 30 -2.91 -14.88 -14.61
N ASP A 31 -1.78 -14.16 -14.54
CA ASP A 31 -1.48 -13.30 -13.39
C ASP A 31 -1.54 -14.08 -12.08
N GLY A 32 -0.96 -15.28 -12.09
CA GLY A 32 -0.87 -16.15 -10.94
C GLY A 32 -2.13 -16.81 -10.45
N ARG A 33 -3.23 -16.74 -11.21
CA ARG A 33 -4.46 -17.43 -10.86
C ARG A 33 -4.84 -18.42 -11.94
N VAL A 34 -5.42 -19.55 -11.53
CA VAL A 34 -5.96 -20.53 -12.48
C VAL A 34 -7.35 -20.06 -12.89
N LEU A 35 -7.47 -19.60 -14.13
CA LEU A 35 -8.70 -19.06 -14.68
C LEU A 35 -9.35 -20.07 -15.61
N PHE A 36 -10.64 -20.32 -15.43
CA PHE A 36 -11.35 -21.11 -16.42
C PHE A 36 -11.30 -20.36 -17.75
N PRO A 37 -10.85 -20.99 -18.82
CA PRO A 37 -10.64 -20.25 -20.08
C PRO A 37 -11.95 -19.87 -20.75
N ALA A 38 -11.93 -18.73 -21.43
CA ALA A 38 -13.08 -18.30 -22.25
C ALA A 38 -13.52 -19.41 -23.21
N THR A 39 -12.56 -20.11 -23.80
CA THR A 39 -12.89 -21.18 -24.74
C THR A 39 -13.51 -22.38 -24.03
N GLY A 40 -13.28 -22.50 -22.71
CA GLY A 40 -14.00 -23.52 -21.95
C GLY A 40 -15.48 -23.21 -21.85
N TYR A 41 -15.83 -21.93 -21.73
CA TYR A 41 -17.24 -21.56 -21.77
C TYR A 41 -17.83 -21.90 -23.13
N LEU A 42 -17.10 -21.61 -24.21
CA LEU A 42 -17.59 -22.01 -25.53
C LEU A 42 -17.86 -23.51 -25.58
N SER A 43 -16.96 -24.32 -25.02
CA SER A 43 -17.13 -25.76 -25.07
C SER A 43 -18.41 -26.20 -24.36
N ILE A 44 -18.63 -25.71 -23.13
CA ILE A 44 -19.80 -26.22 -22.41
C ILE A 44 -21.11 -25.68 -23.02
N VAL A 45 -21.10 -24.48 -23.60
CA VAL A 45 -22.29 -24.01 -24.29
C VAL A 45 -22.57 -24.87 -25.52
N TRP A 46 -21.52 -25.17 -26.29
CA TRP A 46 -21.64 -26.05 -27.45
C TRP A 46 -22.22 -27.40 -27.05
N LYS A 47 -21.74 -27.96 -25.94
CA LYS A 47 -22.25 -29.25 -25.47
C LYS A 47 -23.72 -29.15 -25.06
N THR A 48 -24.13 -28.00 -24.52
CA THR A 48 -25.53 -27.83 -24.12
C THR A 48 -26.45 -27.75 -25.34
N LEU A 49 -26.02 -27.01 -26.37
CA LEU A 49 -26.78 -26.99 -27.63
C LEU A 49 -26.84 -28.38 -28.24
N ALA A 50 -25.72 -29.10 -28.24
CA ALA A 50 -25.73 -30.47 -28.79
C ALA A 50 -26.73 -31.34 -28.08
N ARG A 51 -26.79 -31.25 -26.74
CA ARG A 51 -27.77 -32.02 -25.98
C ARG A 51 -29.20 -31.65 -26.38
N ALA A 52 -29.46 -30.34 -26.53
CA ALA A 52 -30.81 -29.92 -26.90
C ALA A 52 -31.21 -30.40 -28.29
N LEU A 53 -30.23 -30.59 -29.18
CA LEU A 53 -30.52 -31.02 -30.55
C LEU A 53 -30.41 -32.53 -30.71
N GLY A 54 -29.98 -33.24 -29.68
CA GLY A 54 -29.76 -34.68 -29.78
C GLY A 54 -28.58 -35.09 -30.63
N LEU A 55 -27.53 -34.27 -30.69
CA LEU A 55 -26.38 -34.51 -31.56
C LEU A 55 -25.12 -34.67 -30.72
N GLY A 56 -24.09 -35.27 -31.32
CA GLY A 56 -22.78 -35.17 -30.74
C GLY A 56 -22.13 -33.87 -31.18
N VAL A 57 -21.35 -33.28 -30.26
CA VAL A 57 -20.73 -31.99 -30.55
C VAL A 57 -19.84 -32.09 -31.77
N GLU A 58 -19.15 -33.23 -31.92
CA GLU A 58 -18.26 -33.40 -33.05
C GLU A 58 -19.01 -33.44 -34.37
N GLN A 59 -20.33 -33.57 -34.34
CA GLN A 59 -21.15 -33.54 -35.55
C GLN A 59 -21.98 -32.27 -35.66
N LEU A 60 -21.65 -31.24 -34.87
CA LEU A 60 -22.47 -30.04 -34.75
C LEU A 60 -21.67 -28.80 -35.12
N PRO A 61 -21.71 -28.39 -36.40
CA PRO A 61 -21.21 -27.04 -36.74
C PRO A 61 -22.02 -25.97 -36.04
N VAL A 62 -21.34 -24.96 -35.52
CA VAL A 62 -21.97 -24.05 -34.58
C VAL A 62 -21.47 -22.62 -34.78
N VAL A 63 -22.36 -21.65 -34.50
CA VAL A 63 -22.04 -20.24 -34.50
C VAL A 63 -22.32 -19.66 -33.12
N PHE A 64 -21.35 -18.91 -32.59
CA PHE A 64 -21.54 -18.03 -31.44
C PHE A 64 -21.55 -16.59 -31.91
N GLU A 65 -22.43 -15.78 -31.34
CA GLU A 65 -22.47 -14.36 -31.69
C GLU A 65 -22.61 -13.52 -30.43
N ASP A 66 -21.98 -12.34 -30.46
CA ASP A 66 -22.09 -11.32 -29.41
C ASP A 66 -21.77 -11.89 -28.03
N VAL A 67 -20.69 -12.65 -27.95
CA VAL A 67 -20.26 -13.23 -26.69
C VAL A 67 -19.70 -12.13 -25.79
N VAL A 68 -20.18 -12.09 -24.55
CA VAL A 68 -19.72 -11.12 -23.56
C VAL A 68 -19.32 -11.90 -22.31
N LEU A 69 -18.09 -11.70 -21.86
CA LEU A 69 -17.59 -12.33 -20.65
C LEU A 69 -17.66 -11.30 -19.53
N HIS A 70 -18.49 -11.59 -18.53
CA HIS A 70 -18.82 -10.61 -17.51
C HIS A 70 -17.90 -10.67 -16.30
N GLN A 71 -17.26 -11.81 -16.06
CA GLN A 71 -16.35 -11.98 -14.93
C GLN A 71 -15.50 -13.22 -15.20
N ALA A 72 -14.40 -13.31 -14.47
CA ALA A 72 -13.53 -14.48 -14.51
C ALA A 72 -13.97 -15.52 -13.49
N THR A 73 -13.65 -16.78 -13.78
CA THR A 73 -13.93 -17.90 -12.89
C THR A 73 -12.62 -18.51 -12.42
N ILE A 74 -12.36 -18.45 -11.11
CA ILE A 74 -11.15 -19.01 -10.51
C ILE A 74 -11.41 -20.47 -10.19
N LEU A 75 -10.51 -21.35 -10.65
CA LEU A 75 -10.60 -22.75 -10.25
C LEU A 75 -9.73 -22.99 -9.03
N PRO A 76 -10.28 -23.36 -7.88
CA PRO A 76 -9.44 -23.55 -6.68
C PRO A 76 -8.64 -24.85 -6.80
N LYS A 77 -7.66 -25.02 -5.90
CA LYS A 77 -6.76 -26.16 -6.02
C LYS A 77 -7.47 -27.42 -5.62
N THR A 78 -8.35 -27.17 -4.64
CA THR A 78 -9.22 -28.21 -4.11
C THR A 78 -10.66 -27.72 -4.21
N GLY A 79 -11.60 -28.61 -4.44
CA GLY A 79 -13.01 -28.43 -4.66
C GLY A 79 -13.39 -28.50 -6.14
N THR A 80 -14.66 -28.20 -6.40
CA THR A 80 -15.24 -28.26 -7.73
C THR A 80 -15.91 -26.93 -8.04
N VAL A 81 -15.90 -26.53 -9.30
CA VAL A 81 -16.66 -25.36 -9.74
CA VAL A 81 -16.72 -25.42 -9.69
C VAL A 81 -17.84 -25.88 -10.54
N SER A 82 -19.02 -25.32 -10.33
CA SER A 82 -20.18 -25.74 -11.09
CA SER A 82 -20.24 -25.80 -11.04
C SER A 82 -20.64 -24.59 -11.97
N LEU A 83 -20.59 -24.81 -13.28
CA LEU A 83 -21.01 -23.81 -14.26
C LEU A 83 -22.32 -24.25 -14.87
N GLU A 84 -23.33 -23.38 -14.81
CA GLU A 84 -24.63 -23.67 -15.38
C GLU A 84 -24.79 -22.95 -16.70
N VAL A 85 -25.27 -23.66 -17.71
CA VAL A 85 -25.60 -23.09 -19.01
C VAL A 85 -27.11 -23.14 -19.17
N ARG A 86 -27.70 -22.00 -19.52
CA ARG A 86 -29.13 -21.92 -19.82
C ARG A 86 -29.32 -21.45 -21.25
N LEU A 87 -30.22 -22.12 -21.98
CA LEU A 87 -30.64 -21.68 -23.30
C LEU A 87 -31.99 -20.99 -23.14
N LEU A 88 -32.09 -19.72 -23.56
CA LEU A 88 -33.31 -18.97 -23.32
C LEU A 88 -34.47 -19.51 -24.15
N GLU A 89 -35.68 -19.38 -23.60
CA GLU A 89 -36.88 -19.87 -24.28
C GLU A 89 -37.05 -19.20 -25.63
N ALA A 90 -37.33 -20.00 -26.65
CA ALA A 90 -37.67 -19.51 -27.98
C ALA A 90 -36.64 -18.50 -28.49
N SER A 91 -35.37 -18.81 -28.25
CA SER A 91 -34.32 -17.84 -28.51
C SER A 91 -33.00 -18.58 -28.72
N ARG A 92 -32.08 -17.92 -29.41
CA ARG A 92 -30.72 -18.40 -29.55
C ARG A 92 -29.81 -17.92 -28.42
N ALA A 93 -30.31 -17.05 -27.55
CA ALA A 93 -29.50 -16.52 -26.47
C ALA A 93 -29.18 -17.59 -25.44
N PHE A 94 -28.02 -17.46 -24.82
CA PHE A 94 -27.58 -18.36 -23.75
C PHE A 94 -27.01 -17.54 -22.61
N GLU A 95 -26.95 -18.16 -21.44
CA GLU A 95 -26.29 -17.61 -20.28
C GLU A 95 -25.44 -18.70 -19.64
N VAL A 96 -24.29 -18.31 -19.09
CA VAL A 96 -23.47 -19.17 -18.24
C VAL A 96 -23.37 -18.48 -16.90
N SER A 97 -23.65 -19.20 -15.82
CA SER A 97 -23.61 -18.62 -14.49
C SER A 97 -22.85 -19.53 -13.54
N GLU A 98 -22.35 -18.92 -12.47
CA GLU A 98 -21.74 -19.67 -11.37
C GLU A 98 -22.31 -19.12 -10.07
N ASN A 99 -22.91 -19.99 -9.28
CA ASN A 99 -23.57 -19.59 -8.03
C ASN A 99 -24.56 -18.46 -8.29
N GLY A 100 -25.25 -18.53 -9.42
CA GLY A 100 -26.23 -17.54 -9.80
C GLY A 100 -25.69 -16.28 -10.44
N ASN A 101 -24.39 -16.02 -10.35
CA ASN A 101 -23.81 -14.83 -10.95
C ASN A 101 -23.56 -15.06 -12.44
N LEU A 102 -23.93 -14.08 -13.26
CA LEU A 102 -23.75 -14.20 -14.70
C LEU A 102 -22.28 -14.10 -15.08
N VAL A 103 -21.78 -15.08 -15.81
CA VAL A 103 -20.40 -15.13 -16.25
C VAL A 103 -20.27 -14.88 -17.75
N VAL A 104 -21.16 -15.44 -18.57
CA VAL A 104 -21.13 -15.27 -20.02
C VAL A 104 -22.54 -15.08 -20.54
N SER A 105 -22.69 -14.24 -21.57
CA SER A 105 -23.91 -14.15 -22.35
C SER A 105 -23.54 -14.14 -23.83
N GLY A 106 -24.53 -14.37 -24.68
CA GLY A 106 -24.30 -14.50 -26.10
C GLY A 106 -25.46 -15.22 -26.74
N LYS A 107 -25.24 -15.51 -28.02
CA LYS A 107 -26.22 -16.27 -28.81
C LYS A 107 -25.46 -17.48 -29.33
N VAL A 108 -26.16 -18.59 -29.46
CA VAL A 108 -25.47 -19.76 -30.02
C VAL A 108 -26.47 -20.51 -30.88
N TYR A 109 -26.02 -21.06 -32.02
CA TYR A 109 -26.97 -21.80 -32.84
C TYR A 109 -26.27 -22.76 -33.80
N GLN A 110 -27.03 -23.79 -34.21
CA GLN A 110 -26.55 -24.70 -35.25
C GLN A 110 -26.27 -23.94 -36.53
N TRP A 111 -25.12 -24.20 -37.13
CA TRP A 111 -24.75 -23.59 -38.40
C TRP A 111 -25.34 -24.49 -39.48
N ASP A 112 -26.39 -24.02 -40.15
CA ASP A 112 -27.12 -24.87 -41.08
C ASP A 112 -26.34 -25.11 -42.37
N ASP A 113 -25.62 -24.11 -42.86
CA ASP A 113 -24.96 -24.16 -44.15
C ASP A 113 -23.47 -23.88 -43.99
N PRO A 114 -22.73 -24.80 -43.38
CA PRO A 114 -21.31 -24.52 -43.12
C PRO A 114 -20.57 -24.21 -44.41
N ASP A 115 -19.79 -23.15 -44.39
CA ASP A 115 -19.06 -22.72 -45.58
C ASP A 115 -17.57 -23.00 -45.38
N PRO A 116 -17.01 -24.02 -46.04
CA PRO A 116 -15.58 -24.32 -45.81
C PRO A 116 -14.68 -23.15 -46.18
N ARG A 117 -15.11 -22.30 -47.11
CA ARG A 117 -14.30 -21.15 -47.52
C ARG A 117 -14.12 -20.13 -46.42
N LEU A 118 -15.00 -20.11 -45.41
CA LEU A 118 -14.83 -19.19 -44.30
C LEU A 118 -13.50 -19.43 -43.61
N PHE A 119 -12.98 -20.66 -43.71
CA PHE A 119 -11.77 -21.04 -43.00
C PHE A 119 -10.52 -20.87 -43.86
N ASP A 120 -10.66 -20.26 -45.05
CA ASP A 120 -9.50 -19.94 -45.85
C ASP A 120 -8.72 -18.86 -45.12
N HIS A 121 -7.42 -18.94 -45.18
CA HIS A 121 -6.64 -17.97 -44.43
C HIS A 121 -6.63 -16.64 -45.15
N PRO A 122 -6.93 -15.54 -44.44
CA PRO A 122 -6.92 -14.22 -45.10
C PRO A 122 -5.54 -13.90 -45.64
N GLU A 123 -5.51 -13.15 -46.74
CA GLU A 123 -4.27 -12.83 -47.44
C GLU A 123 -4.13 -11.32 -47.58
N SER A 124 -2.95 -10.81 -47.25
CA SER A 124 -2.66 -9.40 -47.46
C SER A 124 -2.62 -9.10 -48.97
N PRO A 125 -2.61 -7.84 -49.38
CA PRO A 125 -2.47 -7.53 -50.81
C PRO A 125 -1.12 -7.90 -51.38
N THR A 126 -0.06 -7.83 -50.59
CA THR A 126 1.29 -8.12 -51.00
C THR A 126 1.94 -9.01 -49.95
N PRO A 127 2.98 -9.76 -50.30
CA PRO A 127 3.64 -10.66 -49.34
C PRO A 127 4.19 -9.92 -48.14
N ASN A 128 4.86 -10.66 -47.26
CA ASN A 128 5.38 -10.07 -46.04
C ASN A 128 6.52 -9.12 -46.37
N PRO A 129 6.45 -7.85 -45.93
CA PRO A 129 7.47 -6.86 -46.32
C PRO A 129 8.75 -6.94 -45.50
N THR A 130 8.71 -7.48 -44.30
CA THR A 130 9.92 -7.73 -43.54
C THR A 130 10.12 -9.24 -43.41
N GLU A 131 11.37 -9.68 -43.49
CA GLU A 131 11.67 -11.12 -43.53
C GLU A 131 11.13 -11.82 -42.28
N PRO A 132 10.30 -12.86 -42.43
CA PRO A 132 9.70 -13.51 -41.26
C PRO A 132 10.67 -14.46 -40.58
N LEU A 133 10.84 -14.28 -39.27
CA LEU A 133 11.74 -15.12 -38.45
C LEU A 133 10.92 -15.90 -37.43
N PHE A 134 10.72 -17.18 -37.67
CA PHE A 134 9.82 -17.94 -36.83
C PHE A 134 10.40 -18.19 -35.44
N LEU A 135 9.56 -18.01 -34.43
CA LEU A 135 9.91 -18.26 -33.05
C LEU A 135 9.49 -19.69 -32.72
N ALA A 136 10.36 -20.40 -32.00
CA ALA A 136 10.05 -21.74 -31.57
C ALA A 136 9.15 -21.72 -30.33
N GLN A 137 8.61 -22.89 -30.00
CA GLN A 137 7.64 -23.03 -28.92
C GLN A 137 8.13 -22.38 -27.62
N ALA A 138 9.31 -22.77 -27.15
CA ALA A 138 9.82 -22.26 -25.88
C ALA A 138 9.95 -20.74 -25.92
N GLU A 139 10.33 -20.17 -27.06
CA GLU A 139 10.43 -18.71 -27.17
C GLU A 139 9.05 -18.05 -27.09
N VAL A 140 8.05 -18.67 -27.75
CA VAL A 140 6.69 -18.16 -27.70
C VAL A 140 6.20 -18.09 -26.27
N TYR A 141 6.39 -19.17 -25.51
CA TYR A 141 5.79 -19.20 -24.19
C TYR A 141 6.62 -18.42 -23.21
N LYS A 142 7.91 -18.24 -23.47
CA LYS A 142 8.66 -17.24 -22.71
C LYS A 142 8.03 -15.90 -22.79
N GLU A 143 7.82 -15.47 -24.03
CA GLU A 143 7.31 -14.09 -24.25
C GLU A 143 5.96 -13.93 -23.58
N LEU A 144 5.09 -14.90 -23.76
CA LEU A 144 3.85 -14.87 -23.10
C LEU A 144 4.00 -14.86 -21.57
N ARG A 145 4.84 -15.73 -21.00
CA ARG A 145 5.08 -15.76 -19.56
C ARG A 145 5.53 -14.40 -19.03
N LEU A 146 6.42 -13.73 -19.76
CA LEU A 146 6.94 -12.46 -19.28
C LEU A 146 5.81 -11.46 -19.04
N ARG A 147 4.79 -11.49 -19.90
CA ARG A 147 3.65 -10.58 -19.80
C ARG A 147 2.53 -11.07 -18.89
N GLY A 148 2.70 -12.20 -18.22
CA GLY A 148 1.72 -12.65 -17.24
C GLY A 148 0.84 -13.79 -17.68
N TYR A 149 1.05 -14.34 -18.88
CA TYR A 149 0.27 -15.46 -19.38
C TYR A 149 1.15 -16.69 -19.16
N ASP A 150 0.84 -17.47 -18.13
CA ASP A 150 1.63 -18.60 -17.70
C ASP A 150 0.91 -19.88 -18.10
N TYR A 151 1.32 -20.44 -19.23
CA TYR A 151 0.68 -21.62 -19.78
C TYR A 151 1.56 -22.82 -19.47
N GLY A 152 0.98 -23.79 -18.78
CA GLY A 152 1.64 -25.06 -18.58
C GLY A 152 1.49 -25.93 -19.80
N PRO A 153 2.07 -27.12 -19.74
CA PRO A 153 2.19 -27.96 -20.94
C PRO A 153 0.89 -28.19 -21.70
N HIS A 154 -0.23 -28.39 -21.00
CA HIS A 154 -1.49 -28.69 -21.69
C HIS A 154 -2.01 -27.53 -22.51
N PHE A 155 -1.55 -26.31 -22.24
CA PHE A 155 -1.97 -25.15 -23.01
C PHE A 155 -0.85 -24.58 -23.88
N GLN A 156 0.26 -25.30 -24.00
CA GLN A 156 1.36 -24.90 -24.88
C GLN A 156 1.19 -25.56 -26.25
N GLY A 157 0.22 -25.10 -27.02
CA GLY A 157 -0.07 -25.68 -28.34
C GLY A 157 0.55 -24.93 -29.51
N ILE A 158 1.07 -23.74 -29.27
CA ILE A 158 1.80 -23.00 -30.33
C ILE A 158 3.18 -23.66 -30.46
N LEU A 159 3.41 -24.32 -31.59
CA LEU A 159 4.69 -25.01 -31.85
C LEU A 159 5.66 -24.02 -32.48
N GLU A 160 5.12 -23.10 -33.27
CA GLU A 160 5.94 -22.08 -33.95
C GLU A 160 5.06 -20.87 -34.23
N ALA A 161 5.68 -19.71 -34.28
CA ALA A 161 4.94 -18.49 -34.62
C ALA A 161 5.86 -17.47 -35.29
N SER A 162 5.30 -16.70 -36.19
CA SER A 162 6.06 -15.64 -36.83
C SER A 162 6.44 -14.56 -35.82
N LEU A 163 7.44 -13.78 -36.20
CA LEU A 163 7.96 -12.70 -35.34
C LEU A 163 6.87 -11.69 -35.01
N GLU A 164 6.01 -11.36 -35.97
CA GLU A 164 4.92 -10.43 -35.76
C GLU A 164 3.69 -11.08 -35.15
N GLY A 165 3.70 -12.39 -34.94
CA GLY A 165 2.59 -13.04 -34.27
C GLY A 165 1.37 -13.16 -35.15
N ASP A 166 1.55 -13.12 -36.46
CA ASP A 166 0.45 -13.16 -37.42
C ASP A 166 0.28 -14.50 -38.10
N SER A 167 1.17 -15.45 -37.85
CA SER A 167 1.02 -16.79 -38.41
C SER A 167 1.72 -17.78 -37.50
N GLY A 168 1.32 -19.04 -37.62
CA GLY A 168 1.98 -20.05 -36.81
C GLY A 168 1.37 -21.42 -37.06
N ARG A 169 1.73 -22.35 -36.18
CA ARG A 169 1.31 -23.74 -36.29
C ARG A 169 0.90 -24.19 -34.90
N LEU A 170 -0.32 -24.72 -34.79
CA LEU A 170 -0.93 -25.07 -33.52
C LEU A 170 -1.08 -26.58 -33.44
N LEU A 171 -0.72 -27.14 -32.27
CA LEU A 171 -0.95 -28.56 -32.03
C LEU A 171 -2.43 -28.85 -31.87
N TRP A 172 -2.84 -30.02 -32.32
CA TRP A 172 -4.17 -30.55 -32.08
C TRP A 172 -4.05 -31.87 -31.32
N LYS A 173 -4.69 -31.94 -30.15
CA LYS A 173 -4.71 -33.12 -29.31
C LYS A 173 -6.14 -33.50 -28.94
N ASP A 174 -7.06 -33.34 -29.89
CA ASP A 174 -8.49 -33.62 -29.69
C ASP A 174 -9.06 -32.87 -28.49
N ASN A 175 -8.63 -31.63 -28.30
CA ASN A 175 -9.08 -30.81 -27.18
C ASN A 175 -9.48 -29.46 -27.77
N TRP A 176 -10.78 -29.21 -27.86
CA TRP A 176 -11.24 -27.96 -28.45
C TRP A 176 -10.90 -26.77 -27.55
N VAL A 177 -10.90 -26.98 -26.24
CA VAL A 177 -10.70 -25.86 -25.32
C VAL A 177 -9.28 -25.31 -25.45
N SER A 178 -8.28 -26.20 -25.40
CA SER A 178 -6.90 -25.73 -25.48
C SER A 178 -6.53 -25.31 -26.90
N PHE A 179 -7.05 -25.99 -27.92
CA PHE A 179 -6.78 -25.55 -29.30
C PHE A 179 -7.28 -24.12 -29.51
N MET A 180 -8.53 -23.88 -29.12
CA MET A 180 -9.10 -22.57 -29.32
C MET A 180 -8.39 -21.53 -28.43
N ASP A 181 -7.93 -21.95 -27.24
CA ASP A 181 -7.19 -21.03 -26.41
C ASP A 181 -5.88 -20.63 -27.08
N THR A 182 -5.21 -21.56 -27.77
CA THR A 182 -3.99 -21.18 -28.46
C THR A 182 -4.25 -20.26 -29.64
N MET A 183 -5.44 -20.31 -30.23
CA MET A 183 -5.77 -19.24 -31.19
C MET A 183 -5.87 -17.88 -30.51
N LEU A 184 -6.48 -17.82 -29.32
CA LEU A 184 -6.50 -16.54 -28.59
C LEU A 184 -5.09 -16.12 -28.16
N GLN A 185 -4.24 -17.09 -27.81
CA GLN A 185 -2.86 -16.78 -27.46
C GLN A 185 -2.14 -16.15 -28.65
N MET A 186 -2.39 -16.68 -29.85
CA MET A 186 -1.80 -16.08 -31.04
C MET A 186 -2.28 -14.65 -31.26
N SER A 187 -3.58 -14.41 -31.04
CA SER A 187 -4.08 -13.04 -31.15
CA SER A 187 -4.08 -13.04 -31.16
C SER A 187 -3.38 -12.11 -30.16
N ILE A 188 -3.09 -12.61 -28.96
CA ILE A 188 -2.41 -11.81 -27.94
C ILE A 188 -0.93 -11.59 -28.28
N LEU A 189 -0.30 -12.60 -28.87
CA LEU A 189 1.15 -12.60 -29.09
C LEU A 189 1.63 -11.33 -29.76
N GLY A 190 1.01 -10.97 -30.88
CA GLY A 190 1.48 -9.81 -31.60
C GLY A 190 0.95 -8.48 -31.14
N SER A 191 0.28 -8.42 -29.99
CA SER A 191 -0.25 -7.16 -29.49
C SER A 191 0.87 -6.34 -28.86
N ALA A 192 0.83 -5.03 -29.10
CA ALA A 192 1.76 -4.07 -28.51
C ALA A 192 1.38 -3.62 -27.09
N LYS A 193 0.19 -3.98 -26.61
CA LYS A 193 -0.28 -3.48 -25.31
C LYS A 193 0.50 -4.16 -24.20
N HIS A 194 0.67 -3.44 -23.09
CA HIS A 194 1.49 -3.87 -21.96
C HIS A 194 0.63 -4.47 -20.86
N GLY A 195 1.08 -5.58 -20.30
CA GLY A 195 0.38 -6.17 -19.17
C GLY A 195 -0.57 -7.28 -19.59
N LEU A 196 -1.39 -7.68 -18.64
CA LEU A 196 -2.36 -8.75 -18.81
C LEU A 196 -3.65 -8.18 -19.37
N TYR A 197 -4.06 -8.66 -20.55
CA TYR A 197 -5.34 -8.33 -21.13
C TYR A 197 -6.12 -9.62 -21.29
N LEU A 198 -7.38 -9.60 -20.90
CA LEU A 198 -8.21 -10.82 -20.98
C LEU A 198 -9.40 -10.58 -21.91
N PRO A 199 -9.88 -11.64 -22.58
CA PRO A 199 -11.02 -11.48 -23.46
C PRO A 199 -12.26 -10.99 -22.69
N THR A 200 -12.99 -10.05 -23.27
CA THR A 200 -14.22 -9.54 -22.65
C THR A 200 -15.37 -9.68 -23.64
N ARG A 201 -15.06 -9.69 -24.94
CA ARG A 201 -16.09 -9.79 -25.99
C ARG A 201 -15.58 -10.51 -27.24
N VAL A 202 -16.47 -11.19 -27.94
CA VAL A 202 -16.14 -11.81 -29.25
C VAL A 202 -17.39 -11.65 -30.10
N THR A 203 -17.26 -11.04 -31.27
CA THR A 203 -18.44 -10.73 -32.10
C THR A 203 -19.03 -12.01 -32.70
N ALA A 204 -18.16 -12.88 -33.21
CA ALA A 204 -18.63 -14.13 -33.83
C ALA A 204 -17.57 -15.21 -33.87
N ILE A 205 -17.99 -16.43 -33.58
CA ILE A 205 -17.11 -17.59 -33.70
C ILE A 205 -17.85 -18.66 -34.50
N HIS A 206 -17.22 -19.15 -35.55
CA HIS A 206 -17.76 -20.26 -36.33
C HIS A 206 -16.87 -21.48 -36.14
N ILE A 207 -17.49 -22.63 -35.92
CA ILE A 207 -16.77 -23.89 -35.82
C ILE A 207 -17.41 -24.90 -36.77
N ASP A 208 -16.60 -25.52 -37.62
CA ASP A 208 -17.04 -26.61 -38.47
C ASP A 208 -16.13 -27.81 -38.28
N PRO A 209 -16.56 -28.81 -37.50
CA PRO A 209 -15.69 -29.98 -37.26
C PRO A 209 -15.27 -30.72 -38.52
N ALA A 210 -16.06 -30.69 -39.57
CA ALA A 210 -15.65 -31.46 -40.76
C ALA A 210 -14.48 -30.75 -41.44
N THR A 211 -14.61 -29.45 -41.60
CA THR A 211 -13.53 -28.66 -42.23
C THR A 211 -12.27 -28.80 -41.37
N HIS A 212 -12.44 -28.79 -40.06
CA HIS A 212 -11.30 -28.92 -39.13
C HIS A 212 -10.51 -30.19 -39.42
N ARG A 213 -11.23 -31.30 -39.54
CA ARG A 213 -10.56 -32.61 -39.76
C ARG A 213 -9.82 -32.60 -41.11
N GLN A 214 -10.33 -31.89 -42.08
CA GLN A 214 -9.67 -31.78 -43.40
C GLN A 214 -8.42 -30.92 -43.31
N LYS A 215 -8.43 -29.88 -42.49
CA LYS A 215 -7.32 -28.90 -42.48
C LYS A 215 -6.17 -29.39 -41.59
N LEU A 216 -6.41 -30.39 -40.76
CA LEU A 216 -5.34 -30.92 -39.89
C LEU A 216 -4.32 -31.65 -40.76
N TYR A 217 -3.06 -31.61 -40.36
CA TYR A 217 -2.02 -32.38 -41.05
C TYR A 217 -1.12 -33.02 -40.01
N THR A 218 -0.37 -34.03 -40.42
CA THR A 218 0.44 -34.79 -39.48
C THR A 218 1.92 -34.55 -39.76
N LEU A 219 2.67 -34.28 -38.70
CA LEU A 219 4.11 -34.11 -38.80
C LEU A 219 4.77 -35.48 -38.73
N GLN A 220 6.05 -35.52 -39.11
CA GLN A 220 6.78 -36.80 -39.15
C GLN A 220 6.82 -37.46 -37.79
N ASP A 221 6.79 -36.69 -36.72
CA ASP A 221 6.65 -37.33 -35.43
C ASP A 221 5.15 -37.73 -35.13
N LYS A 222 4.21 -37.76 -36.09
CA LYS A 222 2.79 -38.11 -35.85
C LYS A 222 2.02 -37.09 -35.00
N ALA A 223 2.61 -35.94 -34.66
CA ALA A 223 1.78 -34.87 -34.09
C ALA A 223 0.84 -34.32 -35.15
N GLN A 224 -0.38 -34.00 -34.75
CA GLN A 224 -1.35 -33.39 -35.63
C GLN A 224 -1.33 -31.89 -35.40
N VAL A 225 -1.44 -31.10 -36.48
CA VAL A 225 -1.34 -29.66 -36.37
C VAL A 225 -2.28 -29.00 -37.36
N ALA A 226 -2.59 -27.74 -37.09
CA ALA A 226 -3.29 -26.86 -38.01
C ALA A 226 -2.56 -25.53 -38.04
N ASP A 227 -2.46 -24.93 -39.22
CA ASP A 227 -1.87 -23.62 -39.37
C ASP A 227 -2.84 -22.54 -38.90
N VAL A 228 -2.32 -21.50 -38.27
CA VAL A 228 -3.11 -20.37 -37.79
C VAL A 228 -2.65 -19.08 -38.45
N VAL A 229 -3.62 -18.21 -38.78
CA VAL A 229 -3.34 -16.87 -39.29
C VAL A 229 -4.11 -15.86 -38.43
N VAL A 230 -3.44 -14.78 -38.07
CA VAL A 230 -4.04 -13.67 -37.33
C VAL A 230 -3.94 -12.41 -38.18
N SER A 231 -5.08 -11.74 -38.39
CA SER A 231 -5.12 -10.43 -39.01
C SER A 231 -5.77 -9.48 -37.99
N ARG A 232 -4.93 -8.70 -37.31
CA ARG A 232 -5.44 -7.70 -36.37
C ARG A 232 -6.24 -6.63 -37.10
N TRP A 233 -5.80 -6.27 -38.31
CA TRP A 233 -6.54 -5.31 -39.13
C TRP A 233 -7.97 -5.78 -39.39
N LEU A 234 -8.13 -7.05 -39.78
CA LEU A 234 -9.43 -7.57 -40.10
C LEU A 234 -10.17 -8.09 -38.84
N ARG A 235 -9.54 -8.14 -37.69
CA ARG A 235 -10.19 -8.63 -36.44
C ARG A 235 -10.58 -10.10 -36.66
N VAL A 236 -9.65 -10.88 -37.17
CA VAL A 236 -9.89 -12.28 -37.48
C VAL A 236 -8.69 -13.15 -37.10
N THR A 237 -8.96 -14.27 -36.42
CA THR A 237 -8.00 -15.34 -36.21
C THR A 237 -8.62 -16.62 -36.74
N VAL A 238 -7.90 -17.34 -37.60
CA VAL A 238 -8.45 -18.52 -38.27
C VAL A 238 -7.47 -19.67 -38.15
N ALA A 239 -7.97 -20.85 -37.80
CA ALA A 239 -7.11 -22.04 -37.73
C ALA A 239 -7.99 -23.27 -37.76
N GLY A 240 -7.58 -24.26 -38.57
CA GLY A 240 -8.40 -25.44 -38.72
C GLY A 240 -9.80 -25.05 -39.14
N GLY A 241 -10.79 -25.62 -38.45
CA GLY A 241 -12.17 -25.27 -38.69
C GLY A 241 -12.75 -24.31 -37.67
N VAL A 242 -11.93 -23.39 -37.16
CA VAL A 242 -12.37 -22.37 -36.21
C VAL A 242 -12.06 -20.99 -36.79
N HIS A 243 -13.05 -20.12 -36.77
CA HIS A 243 -12.94 -18.75 -37.27
C HIS A 243 -13.43 -17.84 -36.15
N ILE A 244 -12.55 -16.98 -35.64
CA ILE A 244 -12.84 -16.08 -34.54
C ILE A 244 -12.78 -14.66 -35.08
N SER A 245 -13.87 -13.91 -34.90
CA SER A 245 -14.04 -12.57 -35.43
C SER A 245 -14.38 -11.61 -34.30
N GLY A 246 -13.64 -10.51 -34.24
CA GLY A 246 -13.96 -9.42 -33.32
C GLY A 246 -13.63 -9.70 -31.87
N LEU A 247 -12.51 -10.38 -31.61
CA LEU A 247 -12.03 -10.54 -30.25
C LEU A 247 -11.67 -9.19 -29.65
N HIS A 248 -12.19 -8.91 -28.45
CA HIS A 248 -11.85 -7.71 -27.71
C HIS A 248 -11.30 -8.10 -26.34
N THR A 249 -10.18 -7.50 -25.95
CA THR A 249 -9.59 -7.76 -24.65
C THR A 249 -9.49 -6.46 -23.85
N GLU A 250 -9.41 -6.60 -22.54
CA GLU A 250 -9.41 -5.48 -21.62
C GLU A 250 -8.40 -5.73 -20.52
N SER A 251 -7.89 -4.64 -19.95
CA SER A 251 -6.88 -4.76 -18.91
C SER A 251 -7.49 -5.46 -17.70
N ALA A 252 -6.71 -6.36 -17.11
CA ALA A 252 -7.17 -7.13 -15.96
C ALA A 252 -6.09 -7.18 -14.88
N SER B 1 13.35 31.50 -6.41
CA SER B 1 13.71 30.11 -6.57
C SER B 1 13.21 29.28 -5.40
N GLU B 2 12.90 28.00 -5.69
CA GLU B 2 12.57 27.03 -4.62
C GLU B 2 13.91 26.37 -4.26
N ASN B 3 14.29 26.39 -2.99
CA ASN B 3 15.60 25.91 -2.57
C ASN B 3 15.45 24.63 -1.74
N LEU B 4 16.24 23.61 -2.09
CA LEU B 4 16.24 22.33 -1.42
C LEU B 4 17.63 22.10 -0.83
N TYR B 5 17.71 21.78 0.45
CA TYR B 5 19.00 21.67 1.13
C TYR B 5 19.30 20.24 1.55
N PHE B 6 20.59 19.89 1.52
CA PHE B 6 21.04 18.53 1.79
C PHE B 6 22.22 18.56 2.74
N GLN B 7 22.16 17.72 3.79
CA GLN B 7 23.21 17.70 4.80
C GLN B 7 24.48 17.02 4.32
N SER B 8 24.41 16.23 3.24
CA SER B 8 25.53 15.46 2.74
CA SER B 8 25.47 15.40 2.79
C SER B 8 25.19 14.96 1.35
N ALA B 9 26.23 14.65 0.58
CA ALA B 9 26.02 14.02 -0.72
C ALA B 9 27.27 13.25 -1.09
N ALA B 10 27.10 12.33 -2.03
CA ALA B 10 28.20 11.51 -2.52
C ALA B 10 27.88 11.07 -3.94
N ILE B 11 28.90 10.94 -4.77
CA ILE B 11 28.73 10.48 -6.14
C ILE B 11 29.55 9.20 -6.31
N TYR B 12 28.91 8.16 -6.84
CA TYR B 12 29.51 6.86 -7.04
C TYR B 12 29.64 6.65 -8.54
N ASN B 13 30.87 6.70 -9.03
CA ASN B 13 31.16 6.51 -10.44
C ASN B 13 31.48 5.03 -10.65
N ILE B 14 30.54 4.30 -11.26
CA ILE B 14 30.58 2.86 -11.35
C ILE B 14 31.04 2.46 -12.74
N ASP B 15 32.05 1.61 -12.80
CA ASP B 15 32.60 1.07 -14.03
C ASP B 15 32.49 -0.45 -13.96
N THR B 16 31.89 -1.07 -14.97
CA THR B 16 31.72 -2.52 -14.93
C THR B 16 32.72 -3.24 -15.82
N SER B 17 33.73 -2.53 -16.33
CA SER B 17 34.77 -3.15 -17.13
C SER B 17 35.51 -4.20 -16.29
N SER B 18 36.23 -5.07 -16.99
CA SER B 18 36.88 -6.19 -16.32
C SER B 18 37.95 -5.73 -15.33
N GLU B 19 38.50 -4.53 -15.53
CA GLU B 19 39.52 -3.99 -14.62
C GLU B 19 38.94 -3.47 -13.30
N SER B 20 37.65 -3.15 -13.27
CA SER B 20 36.97 -2.51 -12.15
C SER B 20 36.56 -3.51 -11.06
N PRO B 21 36.60 -3.09 -9.79
CA PRO B 21 36.05 -3.91 -8.70
C PRO B 21 34.56 -4.16 -8.83
N ASP B 22 33.88 -3.41 -9.67
CA ASP B 22 32.44 -3.53 -9.84
C ASP B 22 32.08 -4.33 -11.09
N HIS B 23 33.04 -5.06 -11.66
CA HIS B 23 32.75 -5.91 -12.80
C HIS B 23 31.64 -6.91 -12.50
N TYR B 24 31.52 -7.35 -11.24
CA TYR B 24 30.52 -8.34 -10.88
C TYR B 24 29.12 -7.93 -11.32
N LEU B 25 28.87 -6.63 -11.48
CA LEU B 25 27.55 -6.13 -11.85
C LEU B 25 27.11 -6.59 -13.23
N VAL B 26 28.03 -7.00 -14.11
CA VAL B 26 27.59 -7.48 -15.41
C VAL B 26 26.81 -8.77 -15.30
N ASP B 27 26.83 -9.43 -14.14
CA ASP B 27 26.10 -10.67 -13.98
C ASP B 27 24.68 -10.45 -13.47
N HIS B 28 24.21 -9.22 -13.41
CA HIS B 28 22.84 -8.91 -13.00
C HIS B 28 22.14 -8.36 -14.24
N THR B 29 21.61 -9.27 -15.07
CA THR B 29 20.95 -8.94 -16.32
C THR B 29 19.49 -9.39 -16.21
N LEU B 30 18.58 -8.53 -16.61
CA LEU B 30 17.13 -8.84 -16.60
C LEU B 30 16.55 -8.42 -17.97
N ASP B 31 15.79 -9.29 -18.63
CA ASP B 31 15.18 -9.05 -19.97
C ASP B 31 16.26 -8.65 -21.00
N GLY B 32 17.48 -9.13 -20.81
CA GLY B 32 18.52 -8.93 -21.81
C GLY B 32 19.35 -7.72 -21.51
N ARG B 33 19.04 -7.07 -20.39
CA ARG B 33 19.75 -5.81 -20.12
C ARG B 33 20.54 -5.88 -18.80
N VAL B 34 21.72 -5.25 -18.74
CA VAL B 34 22.47 -5.13 -17.46
C VAL B 34 21.82 -4.04 -16.61
N LEU B 35 21.13 -4.46 -15.57
CA LEU B 35 20.38 -3.53 -14.73
C LEU B 35 21.11 -3.34 -13.40
N PHE B 36 21.35 -2.09 -13.05
CA PHE B 36 21.90 -1.84 -11.73
C PHE B 36 20.91 -2.36 -10.69
N PRO B 37 21.34 -3.20 -9.75
CA PRO B 37 20.38 -3.83 -8.84
C PRO B 37 19.88 -2.85 -7.79
N ALA B 38 18.62 -3.04 -7.40
CA ALA B 38 18.03 -2.30 -6.29
C ALA B 38 18.91 -2.38 -5.04
N THR B 39 19.50 -3.54 -4.79
CA THR B 39 20.35 -3.68 -3.61
C THR B 39 21.65 -2.90 -3.77
N GLY B 40 22.05 -2.57 -5.01
CA GLY B 40 23.15 -1.65 -5.21
C GLY B 40 22.83 -0.24 -4.75
N TYR B 41 21.58 0.20 -4.95
CA TYR B 41 21.18 1.48 -4.39
C TYR B 41 21.24 1.46 -2.88
N LEU B 42 20.76 0.37 -2.27
CA LEU B 42 20.89 0.26 -0.82
C LEU B 42 22.34 0.39 -0.40
N SER B 43 23.25 -0.27 -1.13
CA SER B 43 24.67 -0.23 -0.78
C SER B 43 25.23 1.19 -0.81
N ILE B 44 24.97 1.93 -1.89
CA ILE B 44 25.60 3.25 -1.99
C ILE B 44 24.94 4.25 -1.01
N VAL B 45 23.65 4.09 -0.72
CA VAL B 45 23.04 4.95 0.30
C VAL B 45 23.64 4.66 1.67
N TRP B 46 23.79 3.37 2.00
CA TRP B 46 24.42 2.96 3.25
C TRP B 46 25.83 3.55 3.38
N LYS B 47 26.60 3.49 2.29
CA LYS B 47 27.95 4.05 2.29
C LYS B 47 27.93 5.56 2.51
N THR B 48 26.91 6.24 1.99
CA THR B 48 26.82 7.68 2.16
C THR B 48 26.49 8.05 3.61
N LEU B 49 25.56 7.32 4.23
CA LEU B 49 25.29 7.52 5.65
C LEU B 49 26.54 7.25 6.49
N ALA B 50 27.25 6.15 6.17
CA ALA B 50 28.46 5.81 6.90
C ALA B 50 29.49 6.94 6.81
N ARG B 51 29.65 7.53 5.63
CA ARG B 51 30.56 8.66 5.49
C ARG B 51 30.15 9.81 6.38
N ALA B 52 28.84 10.12 6.42
CA ALA B 52 28.39 11.23 7.25
C ALA B 52 28.63 10.98 8.74
N LEU B 53 28.63 9.72 9.16
CA LEU B 53 28.79 9.35 10.56
C LEU B 53 30.24 9.04 10.92
N GLY B 54 31.15 9.09 9.95
CA GLY B 54 32.53 8.72 10.22
C GLY B 54 32.73 7.26 10.53
N LEU B 55 31.89 6.40 9.96
CA LEU B 55 31.90 4.97 10.22
C LEU B 55 32.12 4.20 8.93
N GLY B 56 32.58 2.95 9.07
CA GLY B 56 32.49 1.99 8.00
C GLY B 56 31.14 1.29 8.05
N VAL B 57 30.67 0.78 6.90
CA VAL B 57 29.36 0.15 6.88
C VAL B 57 29.31 -1.03 7.85
N GLU B 58 30.42 -1.75 8.03
CA GLU B 58 30.41 -2.87 8.94
C GLU B 58 30.20 -2.47 10.39
N GLN B 59 30.37 -1.19 10.73
CA GLN B 59 30.08 -0.71 12.07
C GLN B 59 28.77 0.07 12.12
N LEU B 60 27.95 -0.03 11.07
CA LEU B 60 26.75 0.78 10.95
C LEU B 60 25.54 -0.11 10.72
N PRO B 61 24.92 -0.62 11.79
CA PRO B 61 23.58 -1.19 11.63
C PRO B 61 22.65 -0.09 11.15
N VAL B 62 21.77 -0.45 10.20
CA VAL B 62 21.06 0.56 9.42
C VAL B 62 19.64 0.10 9.13
N VAL B 63 18.73 1.07 9.07
CA VAL B 63 17.35 0.83 8.67
C VAL B 63 17.04 1.69 7.44
N PHE B 64 16.43 1.08 6.43
CA PHE B 64 15.81 1.77 5.32
C PHE B 64 14.31 1.69 5.49
N GLU B 65 13.60 2.78 5.22
CA GLU B 65 12.15 2.79 5.29
C GLU B 65 11.54 3.52 4.10
N ASP B 66 10.37 3.03 3.69
CA ASP B 66 9.57 3.67 2.65
C ASP B 66 10.36 3.90 1.36
N VAL B 67 11.12 2.88 0.96
CA VAL B 67 11.93 2.98 -0.25
C VAL B 67 11.03 2.91 -1.47
N VAL B 68 11.25 3.83 -2.42
CA VAL B 68 10.52 3.86 -3.69
C VAL B 68 11.54 3.88 -4.82
N LEU B 69 11.42 2.94 -5.75
CA LEU B 69 12.28 2.90 -6.91
C LEU B 69 11.52 3.49 -8.09
N HIS B 70 11.99 4.63 -8.58
CA HIS B 70 11.23 5.40 -9.56
C HIS B 70 11.52 5.00 -10.99
N GLN B 71 12.69 4.42 -11.26
CA GLN B 71 13.02 3.98 -12.60
C GLN B 71 14.17 2.99 -12.48
N ALA B 72 14.33 2.19 -13.53
CA ALA B 72 15.45 1.27 -13.59
C ALA B 72 16.64 1.99 -14.20
N THR B 73 17.83 1.58 -13.78
CA THR B 73 19.07 2.17 -14.34
C THR B 73 19.73 1.08 -15.19
N ILE B 74 19.67 1.28 -16.50
CA ILE B 74 20.29 0.31 -17.45
C ILE B 74 21.65 0.87 -17.81
N LEU B 75 22.68 0.09 -17.60
CA LEU B 75 24.03 0.63 -17.86
C LEU B 75 24.21 0.83 -19.36
N PRO B 76 24.96 1.86 -19.79
CA PRO B 76 25.26 2.02 -21.19
C PRO B 76 26.30 0.98 -21.64
N LYS B 77 26.50 0.94 -22.97
CA LYS B 77 27.54 0.08 -23.57
C LYS B 77 28.89 0.51 -22.99
N THR B 78 29.07 1.81 -22.75
CA THR B 78 30.29 2.27 -22.05
C THR B 78 30.55 1.42 -20.80
N GLY B 79 29.49 0.91 -20.15
CA GLY B 79 29.64 0.08 -18.94
C GLY B 79 29.86 0.94 -17.71
N THR B 80 29.58 2.24 -17.82
CA THR B 80 29.77 3.21 -16.70
C THR B 80 28.45 3.86 -16.30
N VAL B 81 28.37 4.36 -15.06
CA VAL B 81 27.17 5.09 -14.58
C VAL B 81 27.59 5.93 -13.38
N SER B 82 27.00 7.11 -13.29
CA SER B 82 27.30 7.98 -12.16
CA SER B 82 27.30 7.99 -12.17
C SER B 82 26.03 8.18 -11.34
N LEU B 83 26.06 7.70 -10.10
CA LEU B 83 24.88 7.75 -9.24
C LEU B 83 25.17 8.67 -8.06
N GLU B 84 24.31 9.66 -7.86
CA GLU B 84 24.50 10.61 -6.77
C GLU B 84 23.51 10.29 -5.66
N VAL B 85 23.99 10.27 -4.42
CA VAL B 85 23.16 10.11 -3.23
C VAL B 85 23.17 11.44 -2.49
N ARG B 86 21.98 11.92 -2.14
CA ARG B 86 21.83 13.11 -1.31
C ARG B 86 21.08 12.74 -0.03
N LEU B 87 21.57 13.21 1.11
CA LEU B 87 20.86 13.08 2.38
C LEU B 87 20.21 14.42 2.68
N LEU B 88 18.88 14.43 2.85
CA LEU B 88 18.19 15.69 3.02
C LEU B 88 18.53 16.33 4.37
N GLU B 89 18.55 17.66 4.39
CA GLU B 89 18.90 18.41 5.59
C GLU B 89 17.94 18.10 6.73
N ALA B 90 18.49 17.85 7.93
CA ALA B 90 17.71 17.71 9.15
C ALA B 90 16.59 16.69 8.99
N SER B 91 16.92 15.57 8.34
CA SER B 91 15.92 14.58 7.95
C SER B 91 16.62 13.25 7.73
N ARG B 92 15.85 12.17 7.80
CA ARG B 92 16.32 10.85 7.42
C ARG B 92 16.13 10.57 5.94
N ALA B 93 15.47 11.46 5.21
CA ALA B 93 15.17 11.21 3.82
C ALA B 93 16.44 11.22 2.98
N PHE B 94 16.44 10.42 1.92
CA PHE B 94 17.54 10.36 0.97
C PHE B 94 16.98 10.34 -0.44
N GLU B 95 17.84 10.70 -1.39
CA GLU B 95 17.53 10.60 -2.81
C GLU B 95 18.73 10.00 -3.52
N VAL B 96 18.48 9.21 -4.55
CA VAL B 96 19.51 8.74 -5.48
C VAL B 96 19.10 9.24 -6.85
N SER B 97 20.03 9.85 -7.57
CA SER B 97 19.72 10.39 -8.87
C SER B 97 20.79 9.99 -9.88
N GLU B 98 20.38 10.02 -11.14
CA GLU B 98 21.30 9.83 -12.26
C GLU B 98 21.02 10.93 -13.27
N ASN B 99 22.06 11.73 -13.57
CA ASN B 99 21.93 12.85 -14.49
C ASN B 99 20.79 13.78 -14.09
N GLY B 100 20.60 13.94 -12.78
CA GLY B 100 19.54 14.76 -12.22
C GLY B 100 18.19 14.08 -12.09
N ASN B 101 17.96 12.95 -12.78
CA ASN B 101 16.69 12.25 -12.70
C ASN B 101 16.62 11.44 -11.41
N LEU B 102 15.48 11.52 -10.73
CA LEU B 102 15.30 10.79 -9.48
C LEU B 102 15.13 9.29 -9.75
N VAL B 103 15.96 8.48 -9.11
CA VAL B 103 15.94 7.03 -9.26
C VAL B 103 15.37 6.34 -8.03
N VAL B 104 15.77 6.78 -6.83
CA VAL B 104 15.32 6.17 -5.57
C VAL B 104 15.06 7.28 -4.57
N SER B 105 14.01 7.10 -3.76
CA SER B 105 13.77 7.92 -2.58
C SER B 105 13.38 7.01 -1.42
N GLY B 106 13.42 7.57 -0.22
CA GLY B 106 13.11 6.83 0.98
C GLY B 106 13.78 7.48 2.18
N LYS B 107 13.85 6.72 3.27
CA LYS B 107 14.47 7.16 4.50
C LYS B 107 15.52 6.15 4.90
N VAL B 108 16.60 6.63 5.52
CA VAL B 108 17.68 5.77 5.98
C VAL B 108 18.18 6.32 7.31
N TYR B 109 18.50 5.42 8.24
CA TYR B 109 19.01 5.93 9.52
C TYR B 109 19.81 4.87 10.26
N GLN B 110 20.73 5.36 11.09
CA GLN B 110 21.51 4.51 11.98
C GLN B 110 20.59 3.78 12.94
N TRP B 111 20.78 2.47 13.05
CA TRP B 111 19.94 1.63 13.92
C TRP B 111 20.57 1.60 15.31
N ASP B 112 19.95 2.31 16.26
CA ASP B 112 20.45 2.35 17.63
C ASP B 112 20.02 1.09 18.35
N ASP B 113 20.96 0.45 19.05
CA ASP B 113 20.73 -0.81 19.74
C ASP B 113 19.94 -1.80 18.89
N PRO B 114 20.55 -2.37 17.85
CA PRO B 114 19.83 -3.36 17.03
C PRO B 114 19.38 -4.54 17.88
N ASP B 115 18.23 -5.10 17.53
CA ASP B 115 17.72 -6.24 18.29
C ASP B 115 17.88 -7.49 17.44
N PRO B 116 18.84 -8.37 17.78
CA PRO B 116 19.08 -9.57 16.95
C PRO B 116 17.87 -10.48 16.82
N ARG B 117 16.92 -10.39 17.75
CA ARG B 117 15.74 -11.25 17.67
C ARG B 117 14.93 -10.97 16.40
N LEU B 118 15.10 -9.80 15.80
CA LEU B 118 14.40 -9.52 14.55
C LEU B 118 14.74 -10.54 13.48
N PHE B 119 15.94 -11.13 13.54
CA PHE B 119 16.42 -12.00 12.50
C PHE B 119 16.20 -13.48 12.80
N ASP B 120 15.54 -13.80 13.90
CA ASP B 120 15.34 -15.19 14.32
C ASP B 120 14.21 -15.85 13.55
N HIS B 121 14.52 -16.97 12.91
CA HIS B 121 13.59 -17.67 12.03
C HIS B 121 12.50 -18.39 12.83
N LEU B 133 13.78 -33.58 -0.31
CA LEU B 133 13.78 -33.14 -1.71
C LEU B 133 13.87 -31.61 -1.77
N PHE B 134 14.82 -31.10 -2.55
CA PHE B 134 15.04 -29.66 -2.66
C PHE B 134 15.50 -29.33 -4.07
N LEU B 135 15.53 -28.03 -4.37
CA LEU B 135 16.00 -27.55 -5.66
C LEU B 135 17.46 -27.16 -5.50
N ALA B 136 18.31 -27.70 -6.37
CA ALA B 136 19.72 -27.35 -6.36
C ALA B 136 19.93 -26.04 -7.13
N GLN B 137 21.13 -25.48 -6.98
CA GLN B 137 21.46 -24.18 -7.57
C GLN B 137 21.10 -24.13 -9.06
N ALA B 138 21.59 -25.11 -9.83
CA ALA B 138 21.37 -25.08 -11.27
C ALA B 138 19.89 -25.10 -11.61
N GLU B 139 19.08 -25.86 -10.85
CA GLU B 139 17.65 -25.89 -11.11
C GLU B 139 17.00 -24.55 -10.76
N VAL B 140 17.45 -23.93 -9.68
CA VAL B 140 16.94 -22.62 -9.28
C VAL B 140 17.14 -21.62 -10.41
N TYR B 141 18.35 -21.58 -10.97
CA TYR B 141 18.62 -20.53 -11.95
C TYR B 141 18.06 -20.88 -13.33
N LYS B 142 17.88 -22.17 -13.64
CA LYS B 142 17.09 -22.53 -14.81
C LYS B 142 15.66 -21.97 -14.72
N GLU B 143 15.00 -22.16 -13.57
CA GLU B 143 13.64 -21.64 -13.40
C GLU B 143 13.59 -20.12 -13.54
N LEU B 144 14.51 -19.44 -12.87
CA LEU B 144 14.52 -17.98 -12.93
C LEU B 144 14.75 -17.50 -14.35
N ARG B 145 15.72 -18.11 -15.05
CA ARG B 145 15.96 -17.77 -16.44
C ARG B 145 14.72 -17.97 -17.31
N LEU B 146 13.96 -19.05 -17.07
CA LEU B 146 12.73 -19.26 -17.82
C LEU B 146 11.78 -18.08 -17.66
N ARG B 147 11.79 -17.43 -16.50
CA ARG B 147 10.95 -16.26 -16.32
C ARG B 147 11.57 -14.92 -16.74
N GLY B 148 12.79 -14.91 -17.28
CA GLY B 148 13.38 -13.67 -17.74
C GLY B 148 14.42 -13.06 -16.82
N TYR B 149 14.78 -13.73 -15.74
CA TYR B 149 15.78 -13.23 -14.79
C TYR B 149 17.10 -13.93 -15.11
N ASP B 150 18.05 -13.19 -15.72
CA ASP B 150 19.32 -13.76 -16.14
C ASP B 150 20.42 -13.35 -15.16
N TYR B 151 20.81 -14.29 -14.31
CA TYR B 151 21.87 -14.05 -13.34
C TYR B 151 23.10 -14.84 -13.78
N GLY B 152 24.22 -14.13 -13.93
CA GLY B 152 25.50 -14.76 -14.12
C GLY B 152 26.09 -15.21 -12.80
N PRO B 153 27.28 -15.81 -12.88
CA PRO B 153 27.87 -16.45 -11.68
C PRO B 153 27.93 -15.58 -10.44
N HIS B 154 28.26 -14.29 -10.57
CA HIS B 154 28.41 -13.45 -9.38
C HIS B 154 27.09 -13.24 -8.65
N PHE B 155 25.96 -13.46 -9.31
CA PHE B 155 24.67 -13.30 -8.67
C PHE B 155 23.94 -14.63 -8.46
N GLN B 156 24.62 -15.76 -8.68
CA GLN B 156 24.02 -17.07 -8.43
C GLN B 156 24.38 -17.54 -7.03
N GLY B 157 23.82 -16.84 -6.04
CA GLY B 157 24.11 -17.12 -4.64
C GLY B 157 23.16 -18.05 -3.95
N ILE B 158 22.04 -18.42 -4.58
CA ILE B 158 21.16 -19.43 -4.01
C ILE B 158 21.81 -20.79 -4.23
N LEU B 159 22.20 -21.45 -3.16
CA LEU B 159 22.83 -22.77 -3.26
C LEU B 159 21.74 -23.82 -3.39
N GLU B 160 20.72 -23.71 -2.54
CA GLU B 160 19.60 -24.68 -2.55
C GLU B 160 18.34 -23.94 -2.16
N ALA B 161 17.21 -24.43 -2.62
CA ALA B 161 15.94 -23.85 -2.19
C ALA B 161 14.87 -24.94 -2.01
N SER B 162 13.87 -24.64 -1.20
CA SER B 162 12.71 -25.54 -1.05
C SER B 162 11.97 -25.61 -2.38
N LEU B 163 11.18 -26.67 -2.54
CA LEU B 163 10.41 -26.82 -3.78
C LEU B 163 9.42 -25.66 -3.91
N GLU B 164 8.93 -25.17 -2.79
CA GLU B 164 7.98 -24.03 -2.78
C GLU B 164 8.71 -22.70 -2.75
N GLY B 165 10.03 -22.72 -2.63
CA GLY B 165 10.82 -21.48 -2.70
C GLY B 165 10.66 -20.57 -1.50
N ASP B 166 10.43 -21.14 -0.32
CA ASP B 166 10.15 -20.33 0.89
C ASP B 166 11.29 -20.47 1.88
N SER B 167 12.29 -21.27 1.52
CA SER B 167 13.46 -21.49 2.40
C SER B 167 14.66 -21.87 1.56
N GLY B 168 15.85 -21.67 2.13
CA GLY B 168 17.06 -22.08 1.40
C GLY B 168 18.37 -21.67 2.04
N ARG B 169 19.44 -21.78 1.26
CA ARG B 169 20.78 -21.43 1.72
C ARG B 169 21.38 -20.46 0.72
N LEU B 170 21.94 -19.38 1.25
CA LEU B 170 22.53 -18.35 0.38
C LEU B 170 24.03 -18.27 0.66
N LEU B 171 24.79 -18.18 -0.41
CA LEU B 171 26.24 -18.02 -0.28
C LEU B 171 26.61 -16.61 0.16
N TRP B 172 27.66 -16.48 0.95
CA TRP B 172 28.20 -15.16 1.34
C TRP B 172 29.58 -15.04 0.70
N LYS B 173 29.78 -14.05 -0.15
CA LYS B 173 31.05 -13.86 -0.86
C LYS B 173 31.55 -12.45 -0.52
N ASP B 174 31.33 -12.04 0.71
CA ASP B 174 31.72 -10.69 1.16
C ASP B 174 31.23 -9.62 0.19
N ASN B 175 29.98 -9.78 -0.23
CA ASN B 175 29.35 -8.85 -1.17
C ASN B 175 27.92 -8.61 -0.70
N TRP B 176 27.65 -7.43 -0.12
CA TRP B 176 26.30 -7.14 0.37
C TRP B 176 25.30 -7.01 -0.76
N VAL B 177 25.74 -6.49 -1.92
CA VAL B 177 24.82 -6.23 -3.01
C VAL B 177 24.27 -7.55 -3.56
N SER B 178 25.16 -8.51 -3.84
CA SER B 178 24.71 -9.77 -4.39
C SER B 178 23.99 -10.63 -3.34
N PHE B 179 24.43 -10.59 -2.08
CA PHE B 179 23.71 -11.32 -1.04
C PHE B 179 22.26 -10.86 -0.93
N MET B 180 22.06 -9.55 -0.78
CA MET B 180 20.69 -9.07 -0.65
C MET B 180 19.90 -9.29 -1.93
N ASP B 181 20.56 -9.24 -3.09
CA ASP B 181 19.84 -9.54 -4.32
C ASP B 181 19.34 -10.98 -4.32
N THR B 182 20.14 -11.92 -3.79
CA THR B 182 19.65 -13.29 -3.76
C THR B 182 18.51 -13.48 -2.77
N MET B 183 18.40 -12.61 -1.75
CA MET B 183 17.16 -12.65 -0.96
C MET B 183 15.94 -12.22 -1.81
N LEU B 184 16.11 -11.16 -2.61
CA LEU B 184 15.02 -10.78 -3.52
C LEU B 184 14.72 -11.89 -4.52
N GLN B 185 15.77 -12.60 -4.97
CA GLN B 185 15.58 -13.72 -5.88
C GLN B 185 14.73 -14.81 -5.25
N MET B 186 14.98 -15.12 -3.97
CA MET B 186 14.17 -16.13 -3.29
C MET B 186 12.72 -15.68 -3.18
N SER B 187 12.49 -14.41 -2.86
CA SER B 187 11.13 -13.88 -2.87
C SER B 187 10.46 -14.12 -4.22
N ILE B 188 11.19 -13.87 -5.31
CA ILE B 188 10.65 -14.03 -6.65
C ILE B 188 10.37 -15.50 -6.94
N LEU B 189 11.26 -16.39 -6.51
CA LEU B 189 11.19 -17.81 -6.83
C LEU B 189 9.85 -18.39 -6.42
N GLY B 190 9.48 -18.20 -5.17
CA GLY B 190 8.27 -18.85 -4.71
C GLY B 190 6.97 -18.14 -4.94
N SER B 191 6.95 -17.10 -5.76
CA SER B 191 5.71 -16.39 -6.04
C SER B 191 4.86 -17.19 -7.01
N ALA B 192 3.55 -17.04 -6.88
CA ALA B 192 2.66 -17.72 -7.83
C ALA B 192 2.63 -17.01 -9.18
N LYS B 193 2.97 -15.74 -9.18
CA LYS B 193 3.05 -14.97 -10.44
C LYS B 193 4.44 -15.21 -11.04
N HIS B 194 4.50 -15.71 -12.26
CA HIS B 194 5.77 -16.09 -12.88
C HIS B 194 6.24 -15.11 -13.95
N GLY B 195 5.70 -13.90 -13.99
CA GLY B 195 6.16 -12.93 -14.95
C GLY B 195 7.44 -12.26 -14.51
N LEU B 196 7.87 -11.28 -15.31
CA LEU B 196 9.09 -10.53 -15.03
C LEU B 196 8.69 -9.29 -14.23
N TYR B 197 9.07 -9.25 -12.95
CA TYR B 197 8.76 -8.14 -12.06
C TYR B 197 10.02 -7.54 -11.46
N LEU B 198 10.02 -6.22 -11.34
CA LEU B 198 11.11 -5.48 -10.73
C LEU B 198 10.60 -4.79 -9.47
N PRO B 199 11.46 -4.63 -8.45
CA PRO B 199 11.02 -3.96 -7.23
C PRO B 199 10.71 -2.49 -7.48
N THR B 200 9.60 -2.02 -6.91
CA THR B 200 9.27 -0.60 -6.94
C THR B 200 9.11 0.00 -5.56
N ARG B 201 8.87 -0.80 -4.52
CA ARG B 201 8.71 -0.29 -3.16
C ARG B 201 9.21 -1.33 -2.17
N VAL B 202 9.80 -0.85 -1.08
CA VAL B 202 10.13 -1.71 0.06
C VAL B 202 9.80 -0.94 1.33
N THR B 203 8.96 -1.53 2.18
CA THR B 203 8.52 -0.82 3.39
C THR B 203 9.66 -0.64 4.39
N ALA B 204 10.44 -1.70 4.62
CA ALA B 204 11.53 -1.57 5.59
C ALA B 204 12.60 -2.61 5.34
N ILE B 205 13.86 -2.22 5.49
CA ILE B 205 14.98 -3.15 5.47
C ILE B 205 15.85 -2.85 6.67
N HIS B 206 16.11 -3.87 7.47
CA HIS B 206 17.03 -3.77 8.60
C HIS B 206 18.28 -4.57 8.28
N ILE B 207 19.44 -3.99 8.52
CA ILE B 207 20.71 -4.68 8.38
C ILE B 207 21.51 -4.50 9.65
N ASP B 208 21.98 -5.60 10.22
CA ASP B 208 22.86 -5.56 11.40
C ASP B 208 24.06 -6.45 11.11
N PRO B 209 25.21 -5.87 10.73
CA PRO B 209 26.38 -6.67 10.38
C PRO B 209 26.83 -7.65 11.46
N ALA B 210 26.62 -7.28 12.71
CA ALA B 210 27.06 -8.14 13.83
C ALA B 210 26.25 -9.43 13.87
N THR B 211 24.94 -9.31 13.82
CA THR B 211 24.08 -10.52 13.76
C THR B 211 24.46 -11.30 12.51
N HIS B 212 24.75 -10.61 11.41
CA HIS B 212 25.08 -11.28 10.13
C HIS B 212 26.28 -12.20 10.32
N ARG B 213 27.33 -11.67 10.93
CA ARG B 213 28.57 -12.46 11.15
C ARG B 213 28.24 -13.67 12.03
N GLN B 214 27.34 -13.51 12.98
CA GLN B 214 26.95 -14.61 13.88
C GLN B 214 26.07 -15.63 13.15
N LYS B 215 25.31 -15.21 12.15
CA LYS B 215 24.37 -16.13 11.48
C LYS B 215 25.09 -16.93 10.38
N LEU B 216 26.20 -16.41 9.87
CA LEU B 216 26.92 -17.14 8.85
C LEU B 216 27.47 -18.43 9.43
N TYR B 217 27.52 -19.46 8.57
CA TYR B 217 28.11 -20.76 8.96
C TYR B 217 28.90 -21.28 7.75
N THR B 218 29.87 -22.16 8.02
CA THR B 218 30.78 -22.62 6.94
C THR B 218 30.48 -24.09 6.60
N LEU B 219 30.49 -24.40 5.32
CA LEU B 219 30.26 -25.78 4.87
C LEU B 219 31.60 -26.51 4.77
N GLN B 220 31.57 -27.80 4.49
CA GLN B 220 32.81 -28.61 4.45
C GLN B 220 33.78 -28.04 3.42
N ASP B 221 33.29 -27.51 2.30
CA ASP B 221 34.16 -26.94 1.25
C ASP B 221 34.68 -25.56 1.66
N LYS B 222 34.34 -25.10 2.86
CA LYS B 222 34.84 -23.79 3.37
C LYS B 222 33.96 -22.62 2.88
N ALA B 223 32.92 -22.91 2.12
CA ALA B 223 32.02 -21.83 1.70
C ALA B 223 31.24 -21.31 2.91
N GLN B 224 30.96 -20.00 2.93
CA GLN B 224 30.14 -19.39 4.00
C GLN B 224 28.73 -19.20 3.46
N VAL B 225 27.75 -19.47 4.29
CA VAL B 225 26.36 -19.46 3.87
C VAL B 225 25.50 -18.91 5.01
N ALA B 226 24.28 -18.50 4.64
CA ALA B 226 23.24 -18.14 5.58
C ALA B 226 21.93 -18.76 5.14
N ASP B 227 21.14 -19.20 6.12
CA ASP B 227 19.80 -19.70 5.84
C ASP B 227 18.87 -18.54 5.54
N VAL B 228 18.00 -18.72 4.56
CA VAL B 228 17.01 -17.71 4.18
C VAL B 228 15.62 -18.30 4.37
N VAL B 229 14.69 -17.46 4.85
CA VAL B 229 13.28 -17.79 5.01
C VAL B 229 12.44 -16.71 4.35
N VAL B 230 11.40 -17.13 3.62
CA VAL B 230 10.41 -16.23 3.03
C VAL B 230 9.06 -16.55 3.66
N SER B 231 8.39 -15.53 4.20
CA SER B 231 7.07 -15.66 4.81
C SER B 231 6.08 -14.79 4.05
N ARG B 232 5.18 -15.45 3.31
CA ARG B 232 4.10 -14.75 2.61
C ARG B 232 3.10 -14.14 3.56
N TRP B 233 2.79 -14.84 4.66
CA TRP B 233 1.87 -14.30 5.67
C TRP B 233 2.34 -12.93 6.14
N LEU B 234 3.64 -12.80 6.42
CA LEU B 234 4.22 -11.58 6.95
C LEU B 234 4.81 -10.66 5.89
N ARG B 235 4.94 -11.11 4.63
CA ARG B 235 5.63 -10.35 3.59
C ARG B 235 7.03 -9.97 4.04
N VAL B 236 7.78 -10.98 4.47
CA VAL B 236 9.11 -10.76 5.03
C VAL B 236 10.04 -11.82 4.45
N THR B 237 11.26 -11.39 4.09
CA THR B 237 12.34 -12.30 3.73
C THR B 237 13.52 -12.00 4.66
N VAL B 238 14.05 -13.03 5.31
CA VAL B 238 15.11 -12.85 6.30
C VAL B 238 16.24 -13.81 5.99
N ALA B 239 17.47 -13.30 6.06
CA ALA B 239 18.65 -14.12 5.84
C ALA B 239 19.86 -13.41 6.45
N GLY B 240 20.67 -14.16 7.20
CA GLY B 240 21.80 -13.55 7.87
C GLY B 240 21.34 -12.40 8.75
N GLY B 241 22.03 -11.27 8.64
CA GLY B 241 21.61 -10.10 9.39
C GLY B 241 20.82 -9.12 8.54
N VAL B 242 20.02 -9.62 7.59
CA VAL B 242 19.19 -8.78 6.74
C VAL B 242 17.74 -9.21 6.86
N HIS B 243 16.86 -8.22 7.08
CA HIS B 243 15.42 -8.43 7.23
C HIS B 243 14.72 -7.47 6.27
N ILE B 244 14.00 -8.02 5.29
CA ILE B 244 13.33 -7.24 4.25
C ILE B 244 11.83 -7.40 4.44
N SER B 245 11.12 -6.28 4.60
CA SER B 245 9.70 -6.27 4.90
C SER B 245 8.96 -5.41 3.89
N GLY B 246 7.89 -5.96 3.33
CA GLY B 246 7.01 -5.20 2.44
C GLY B 246 7.59 -4.98 1.06
N LEU B 247 8.31 -5.95 0.53
CA LEU B 247 8.78 -5.86 -0.85
C LEU B 247 7.58 -5.84 -1.79
N HIS B 248 7.54 -4.85 -2.67
CA HIS B 248 6.50 -4.78 -3.68
C HIS B 248 7.17 -4.72 -5.05
N THR B 249 6.69 -5.57 -5.96
CA THR B 249 7.25 -5.65 -7.32
C THR B 249 6.14 -5.37 -8.34
N GLU B 250 6.51 -4.86 -9.49
CA GLU B 250 5.55 -4.58 -10.58
C GLU B 250 6.12 -5.14 -11.88
N SER B 251 5.29 -5.25 -12.90
CA SER B 251 5.72 -5.90 -14.15
C SER B 251 6.55 -4.98 -15.03
N ALA B 252 7.67 -5.51 -15.54
CA ALA B 252 8.57 -4.77 -16.46
C ALA B 252 9.95 -5.41 -16.40
N SER C 1 -6.40 28.97 25.29
CA SER C 1 -6.81 27.68 24.74
C SER C 1 -6.61 26.56 25.76
N GLU C 2 -7.42 25.49 25.70
CA GLU C 2 -7.10 24.26 26.41
C GLU C 2 -6.24 23.43 25.50
N ASN C 3 -5.06 23.09 25.98
CA ASN C 3 -4.03 22.45 25.17
C ASN C 3 -3.81 21.03 25.68
N LEU C 4 -3.74 20.09 24.75
CA LEU C 4 -3.53 18.68 25.06
C LEU C 4 -2.25 18.22 24.36
N TYR C 5 -1.34 17.61 25.11
CA TYR C 5 -0.03 17.26 24.57
C TYR C 5 0.17 15.76 24.45
N PHE C 6 0.92 15.35 23.44
CA PHE C 6 1.13 13.95 23.12
C PHE C 6 2.60 13.67 22.86
N GLN C 7 3.12 12.62 23.49
CA GLN C 7 4.54 12.30 23.39
C GLN C 7 4.91 11.72 22.03
N SER C 8 3.95 11.20 21.28
CA SER C 8 4.17 10.71 19.92
C SER C 8 2.82 10.41 19.31
N ALA C 9 2.83 10.25 17.98
CA ALA C 9 1.62 9.90 17.25
C ALA C 9 2.02 9.15 15.99
N ALA C 10 1.03 8.49 15.40
CA ALA C 10 1.23 7.75 14.17
C ALA C 10 -0.09 7.68 13.43
N ILE C 11 -0.02 7.68 12.10
CA ILE C 11 -1.21 7.58 11.27
C ILE C 11 -1.09 6.33 10.41
N TYR C 12 -2.14 5.52 10.42
CA TYR C 12 -2.21 4.26 9.67
C TYR C 12 -3.23 4.44 8.57
N ASN C 13 -2.73 4.48 7.33
CA ASN C 13 -3.59 4.62 6.16
C ASN C 13 -3.88 3.21 5.66
N ILE C 14 -5.13 2.78 5.84
CA ILE C 14 -5.56 1.41 5.64
C ILE C 14 -6.23 1.32 4.28
N ASP C 15 -5.78 0.38 3.44
CA ASP C 15 -6.41 0.12 2.12
C ASP C 15 -6.86 -1.34 2.05
N THR C 16 -8.10 -1.57 1.67
CA THR C 16 -8.67 -2.95 1.64
C THR C 16 -8.67 -3.50 0.22
N SER C 17 -7.91 -2.90 -0.67
CA SER C 17 -7.78 -3.38 -2.06
C SER C 17 -7.19 -4.78 -2.13
N SER C 18 -7.53 -5.52 -3.19
CA SER C 18 -7.11 -6.92 -3.37
C SER C 18 -5.60 -7.10 -3.18
N GLU C 19 -4.85 -6.08 -3.53
CA GLU C 19 -3.38 -6.25 -3.45
C GLU C 19 -2.85 -5.86 -2.06
N SER C 20 -3.62 -5.11 -1.28
CA SER C 20 -3.11 -4.59 0.01
C SER C 20 -2.90 -5.72 1.01
N PRO C 21 -1.90 -5.57 1.89
CA PRO C 21 -1.71 -6.53 2.95
C PRO C 21 -2.92 -6.46 3.90
N ASP C 22 -3.79 -5.46 3.75
CA ASP C 22 -4.96 -5.28 4.65
C ASP C 22 -6.25 -5.66 3.91
N HIS C 23 -6.11 -6.37 2.78
CA HIS C 23 -7.31 -6.82 2.08
C HIS C 23 -8.18 -7.71 2.96
N TYR C 24 -7.56 -8.49 3.87
CA TYR C 24 -8.29 -9.42 4.72
C TYR C 24 -9.43 -8.75 5.49
N LEU C 25 -9.32 -7.45 5.71
CA LEU C 25 -10.33 -6.73 6.47
C LEU C 25 -11.69 -6.75 5.79
N VAL C 26 -11.75 -6.99 4.47
CA VAL C 26 -13.05 -7.02 3.80
C VAL C 26 -13.92 -8.16 4.30
N ASP C 27 -13.34 -9.14 5.00
CA ASP C 27 -14.09 -10.29 5.48
C ASP C 27 -14.64 -10.11 6.88
N HIS C 28 -14.58 -8.88 7.42
CA HIS C 28 -15.15 -8.56 8.76
C HIS C 28 -16.34 -7.63 8.53
N THR C 29 -17.44 -8.21 8.09
CA THR C 29 -18.67 -7.45 7.80
C THR C 29 -19.66 -7.80 8.90
N LEU C 30 -20.06 -6.83 9.69
CA LEU C 30 -21.00 -7.08 10.80
C LEU C 30 -22.29 -6.43 10.37
N ASP C 31 -23.37 -7.21 10.40
CA ASP C 31 -24.62 -6.72 9.77
C ASP C 31 -24.32 -6.82 8.29
N GLY C 32 -24.36 -5.71 7.59
CA GLY C 32 -24.07 -5.70 6.14
C GLY C 32 -23.07 -4.61 5.84
N ARG C 33 -22.26 -4.27 6.85
CA ARG C 33 -21.24 -3.21 6.67
C ARG C 33 -19.84 -3.76 6.96
N VAL C 34 -18.82 -3.29 6.22
CA VAL C 34 -17.41 -3.64 6.53
C VAL C 34 -16.95 -2.80 7.73
N LEU C 35 -16.81 -3.45 8.87
CA LEU C 35 -16.47 -2.73 10.10
C LEU C 35 -15.01 -3.00 10.44
N PHE C 36 -14.25 -1.95 10.66
CA PHE C 36 -12.89 -2.11 11.16
C PHE C 36 -12.98 -2.78 12.52
N PRO C 37 -12.28 -3.89 12.74
CA PRO C 37 -12.44 -4.63 13.99
C PRO C 37 -11.75 -3.94 15.17
N ALA C 38 -12.36 -4.09 16.34
CA ALA C 38 -11.75 -3.60 17.59
C ALA C 38 -10.32 -4.10 17.76
N THR C 39 -10.08 -5.36 17.38
CA THR C 39 -8.74 -5.90 17.49
C THR C 39 -7.79 -5.22 16.50
N GLY C 40 -8.33 -4.62 15.44
CA GLY C 40 -7.50 -3.81 14.56
C GLY C 40 -6.98 -2.55 15.25
N TYR C 41 -7.81 -1.93 16.11
CA TYR C 41 -7.32 -0.82 16.90
C TYR C 41 -6.22 -1.27 17.85
N LEU C 42 -6.42 -2.44 18.49
CA LEU C 42 -5.36 -2.96 19.35
C LEU C 42 -4.05 -3.07 18.60
N SER C 43 -4.12 -3.56 17.36
CA SER C 43 -2.91 -3.75 16.55
C SER C 43 -2.20 -2.42 16.31
N ILE C 44 -2.94 -1.39 15.86
CA ILE C 44 -2.22 -0.16 15.51
C ILE C 44 -1.72 0.57 16.77
N VAL C 45 -2.42 0.45 17.90
CA VAL C 45 -1.90 1.02 19.14
C VAL C 45 -0.62 0.31 19.56
N TRP C 46 -0.62 -1.02 19.49
CA TRP C 46 0.57 -1.81 19.78
C TRP C 46 1.74 -1.38 18.91
N LYS C 47 1.49 -1.18 17.63
CA LYS C 47 2.55 -0.75 16.71
C LYS C 47 3.07 0.64 17.07
N THR C 48 2.18 1.51 17.58
CA THR C 48 2.61 2.86 17.95
C THR C 48 3.50 2.85 19.20
N LEU C 49 3.12 2.04 20.19
CA LEU C 49 4.00 1.85 21.34
C LEU C 49 5.34 1.26 20.92
N ALA C 50 5.30 0.27 20.03
CA ALA C 50 6.53 -0.34 19.53
C ALA C 50 7.44 0.70 18.89
N ARG C 51 6.87 1.60 18.09
CA ARG C 51 7.66 2.66 17.48
C ARG C 51 8.31 3.53 18.55
N ALA C 52 7.56 3.89 19.59
CA ALA C 52 8.13 4.74 20.63
C ALA C 52 9.25 4.04 21.39
N LEU C 53 9.22 2.70 21.46
CA LEU C 53 10.23 1.93 22.19
C LEU C 53 11.34 1.39 21.31
N GLY C 54 11.29 1.61 20.00
CA GLY C 54 12.31 1.07 19.11
C GLY C 54 12.29 -0.44 18.95
N LEU C 55 11.11 -1.05 19.08
CA LEU C 55 10.95 -2.50 19.04
C LEU C 55 10.00 -2.89 17.90
N GLY C 56 10.07 -4.16 17.51
CA GLY C 56 9.02 -4.77 16.74
C GLY C 56 7.96 -5.35 17.65
N VAL C 57 6.74 -5.49 17.16
CA VAL C 57 5.69 -6.02 18.03
C VAL C 57 5.94 -7.38 18.65
N GLU C 58 6.54 -8.26 17.84
CA GLU C 58 6.78 -9.67 18.27
CA GLU C 58 6.79 -9.66 18.27
C GLU C 58 7.70 -9.73 19.49
N GLN C 59 8.45 -8.66 19.64
CA GLN C 59 9.31 -8.52 20.73
C GLN C 59 8.75 -7.63 21.86
N LEU C 60 7.47 -7.28 21.81
CA LEU C 60 6.86 -6.33 22.72
C LEU C 60 5.65 -6.98 23.39
N PRO C 61 5.84 -7.71 24.48
CA PRO C 61 4.68 -8.08 25.30
C PRO C 61 4.01 -6.82 25.82
N VAL C 62 2.69 -6.81 25.82
CA VAL C 62 1.95 -5.57 25.97
C VAL C 62 0.71 -5.78 26.81
N VAL C 63 0.35 -4.74 27.57
CA VAL C 63 -0.89 -4.70 28.34
C VAL C 63 -1.71 -3.52 27.85
N PHE C 64 -2.99 -3.79 27.58
CA PHE C 64 -4.00 -2.76 27.38
C PHE C 64 -4.88 -2.74 28.63
N GLU C 65 -5.24 -1.55 29.08
CA GLU C 65 -6.12 -1.41 30.24
C GLU C 65 -7.21 -0.38 29.95
N ASP C 66 -8.40 -0.65 30.45
CA ASP C 66 -9.53 0.28 30.38
C ASP C 66 -9.78 0.75 28.95
N VAL C 67 -9.77 -0.21 28.01
CA VAL C 67 -10.03 0.12 26.62
C VAL C 67 -11.50 0.49 26.48
N VAL C 68 -11.76 1.63 25.84
CA VAL C 68 -13.10 2.14 25.64
C VAL C 68 -13.29 2.41 24.16
N LEU C 69 -14.30 1.79 23.56
CA LEU C 69 -14.58 1.94 22.14
C LEU C 69 -15.76 2.90 21.95
N HIS C 70 -15.47 4.07 21.39
CA HIS C 70 -16.45 5.15 21.35
C HIS C 70 -17.33 5.13 20.11
N GLN C 71 -16.82 4.61 19.02
CA GLN C 71 -17.69 4.47 17.83
CA GLN C 71 -17.54 4.58 17.72
C GLN C 71 -17.05 3.42 16.83
N ALA C 72 -17.94 2.93 15.99
CA ALA C 72 -17.52 1.98 15.00
C ALA C 72 -16.99 2.72 13.78
N THR C 73 -16.02 2.10 13.12
CA THR C 73 -15.43 2.69 11.89
C THR C 73 -15.83 1.83 10.70
N ILE C 74 -16.62 2.39 9.81
CA ILE C 74 -17.03 1.68 8.58
C ILE C 74 -16.07 2.05 7.46
N LEU C 75 -15.46 1.05 6.83
CA LEU C 75 -14.47 1.27 5.75
C LEU C 75 -15.21 1.39 4.44
N PRO C 76 -15.22 2.56 3.79
CA PRO C 76 -16.04 2.76 2.60
C PRO C 76 -15.74 1.94 1.35
N LYS C 77 -16.50 2.22 0.28
CA LYS C 77 -16.28 1.55 -1.03
C LYS C 77 -14.85 1.78 -1.50
N THR C 78 -14.34 2.98 -1.34
CA THR C 78 -12.93 3.26 -1.66
C THR C 78 -12.11 2.20 -0.93
N GLY C 79 -12.59 1.74 0.22
CA GLY C 79 -11.90 0.69 1.02
C GLY C 79 -10.69 1.27 1.73
N THR C 80 -10.71 2.57 2.00
CA THR C 80 -9.57 3.28 2.63
C THR C 80 -10.03 3.99 3.92
N VAL C 81 -9.11 4.19 4.86
CA VAL C 81 -9.44 4.94 6.10
C VAL C 81 -8.11 5.37 6.73
N SER C 82 -8.09 6.54 7.33
CA SER C 82 -6.89 6.97 8.07
CA SER C 82 -6.91 6.94 8.04
C SER C 82 -7.21 6.98 9.58
N LEU C 83 -6.47 6.15 10.30
CA LEU C 83 -6.64 6.08 11.75
C LEU C 83 -5.41 6.67 12.43
N GLU C 84 -5.61 7.62 13.33
CA GLU C 84 -4.50 8.24 14.05
C GLU C 84 -4.43 7.69 15.46
N VAL C 85 -3.24 7.30 15.90
CA VAL C 85 -2.97 6.90 17.27
C VAL C 85 -2.11 7.98 17.91
N ARG C 86 -2.51 8.44 19.09
CA ARG C 86 -1.74 9.40 19.89
C ARG C 86 -1.42 8.77 21.23
N LEU C 87 -0.17 8.93 21.68
CA LEU C 87 0.23 8.56 23.03
C LEU C 87 0.31 9.83 23.86
N LEU C 88 -0.44 9.88 24.97
CA LEU C 88 -0.51 11.10 25.75
C LEU C 88 0.82 11.39 26.45
N GLU C 89 1.12 12.67 26.60
CA GLU C 89 2.37 13.10 27.24
C GLU C 89 2.43 12.61 28.68
N ALA C 90 3.60 12.07 29.06
CA ALA C 90 3.90 11.66 30.43
C ALA C 90 2.83 10.72 30.99
N SER C 91 2.37 9.79 30.15
CA SER C 91 1.22 8.98 30.47
C SER C 91 1.28 7.69 29.66
N ARG C 92 0.59 6.68 30.16
CA ARG C 92 0.36 5.45 29.40
C ARG C 92 -0.90 5.53 28.56
N ALA C 93 -1.67 6.61 28.68
CA ALA C 93 -2.93 6.73 27.97
C ALA C 93 -2.70 6.88 26.47
N PHE C 94 -3.65 6.38 25.69
CA PHE C 94 -3.62 6.51 24.24
C PHE C 94 -5.00 6.93 23.73
N GLU C 95 -5.00 7.47 22.52
CA GLU C 95 -6.22 7.80 21.80
C GLU C 95 -6.09 7.31 20.37
N VAL C 96 -7.21 6.85 19.79
CA VAL C 96 -7.32 6.57 18.37
C VAL C 96 -8.44 7.44 17.83
N SER C 97 -8.19 8.12 16.72
CA SER C 97 -9.20 8.99 16.13
C SER C 97 -9.28 8.75 14.62
N GLU C 98 -10.44 9.09 14.08
CA GLU C 98 -10.65 9.11 12.64
C GLU C 98 -11.35 10.41 12.29
N ASN C 99 -10.77 11.17 11.37
CA ASN C 99 -11.30 12.49 11.01
C ASN C 99 -11.46 13.36 12.25
N GLY C 100 -10.56 13.22 13.22
CA GLY C 100 -10.65 13.97 14.44
C GLY C 100 -11.62 13.45 15.48
N ASN C 101 -12.52 12.54 15.11
CA ASN C 101 -13.47 11.98 16.07
C ASN C 101 -12.81 10.88 16.88
N LEU C 102 -13.03 10.90 18.20
CA LEU C 102 -12.44 9.91 19.08
C LEU C 102 -13.10 8.56 18.85
N VAL C 103 -12.29 7.54 18.60
CA VAL C 103 -12.75 6.19 18.34
C VAL C 103 -12.43 5.25 19.48
N VAL C 104 -11.21 5.33 20.03
CA VAL C 104 -10.76 4.46 21.12
C VAL C 104 -9.96 5.29 22.11
N SER C 105 -10.11 4.97 23.40
CA SER C 105 -9.22 5.49 24.42
C SER C 105 -8.87 4.36 25.38
N GLY C 106 -7.85 4.60 26.20
CA GLY C 106 -7.41 3.58 27.14
C GLY C 106 -5.95 3.79 27.50
N LYS C 107 -5.36 2.75 28.05
CA LYS C 107 -3.95 2.77 28.43
C LYS C 107 -3.27 1.57 27.78
N VAL C 108 -2.00 1.75 27.44
CA VAL C 108 -1.19 0.69 26.84
C VAL C 108 0.23 0.83 27.38
N TYR C 109 0.86 -0.31 27.69
CA TYR C 109 2.23 -0.22 28.18
C TYR C 109 2.97 -1.55 27.98
N GLN C 110 4.30 -1.43 27.93
CA GLN C 110 5.16 -2.58 27.85
C GLN C 110 5.01 -3.47 29.07
N TRP C 111 4.83 -4.77 28.83
CA TRP C 111 4.67 -5.76 29.90
C TRP C 111 6.04 -6.24 30.31
N ASP C 112 6.50 -5.79 31.48
CA ASP C 112 7.82 -6.17 31.97
C ASP C 112 7.74 -7.58 32.55
N ASP C 113 8.70 -8.44 32.14
CA ASP C 113 8.79 -9.87 32.41
C ASP C 113 7.41 -10.51 32.60
N PRO C 114 6.72 -10.82 31.50
CA PRO C 114 5.39 -11.43 31.59
C PRO C 114 5.41 -12.76 32.35
N ASP C 115 4.28 -13.06 32.99
CA ASP C 115 4.13 -14.29 33.75
C ASP C 115 3.30 -15.23 32.88
N PRO C 116 3.90 -16.27 32.30
CA PRO C 116 3.13 -17.16 31.40
C PRO C 116 1.96 -17.86 32.08
N ARG C 117 1.98 -17.97 33.42
CA ARG C 117 0.86 -18.60 34.12
C ARG C 117 -0.44 -17.86 33.90
N LEU C 118 -0.39 -16.60 33.49
CA LEU C 118 -1.61 -15.87 33.20
C LEU C 118 -2.42 -16.55 32.11
N PHE C 119 -1.76 -17.29 31.22
CA PHE C 119 -2.42 -17.90 30.08
C PHE C 119 -2.88 -19.33 30.37
N ASP C 120 -2.77 -19.73 31.63
CA ASP C 120 -3.29 -21.04 32.06
C ASP C 120 -4.81 -20.99 31.95
N HIS C 121 -5.40 -21.90 31.19
CA HIS C 121 -6.85 -21.86 30.96
C HIS C 121 -7.58 -22.06 32.28
N PRO C 122 -8.61 -21.24 32.53
CA PRO C 122 -9.41 -21.39 33.74
C PRO C 122 -10.21 -22.70 33.67
N GLU C 123 -10.39 -23.34 34.83
CA GLU C 123 -11.10 -24.63 34.91
C GLU C 123 -12.28 -24.56 35.88
N SER C 124 -13.41 -25.08 35.45
CA SER C 124 -14.59 -25.13 36.34
C SER C 124 -14.25 -26.00 37.56
N PRO C 125 -14.66 -25.62 38.78
CA PRO C 125 -14.44 -26.47 39.94
C PRO C 125 -14.71 -27.95 39.62
N THR C 126 -15.62 -28.24 38.68
CA THR C 126 -15.89 -29.64 38.26
C THR C 126 -15.09 -29.98 37.00
N PHE C 134 -19.63 -31.54 19.58
CA PHE C 134 -18.97 -30.25 19.31
C PHE C 134 -19.50 -29.67 17.99
N LEU C 135 -19.32 -28.36 17.79
CA LEU C 135 -19.73 -27.73 16.52
C LEU C 135 -18.52 -27.52 15.64
N ALA C 136 -18.67 -27.82 14.36
CA ALA C 136 -17.57 -27.61 13.42
C ALA C 136 -17.65 -26.19 12.85
N GLN C 137 -16.61 -25.77 12.16
CA GLN C 137 -16.52 -24.40 11.61
C GLN C 137 -17.79 -24.00 10.88
N ALA C 138 -18.22 -24.82 9.93
CA ALA C 138 -19.36 -24.40 9.09
C ALA C 138 -20.60 -24.09 9.92
N GLU C 139 -20.83 -24.87 10.97
CA GLU C 139 -22.05 -24.69 11.79
C GLU C 139 -21.87 -23.44 12.65
N VAL C 140 -20.65 -23.20 13.09
CA VAL C 140 -20.36 -21.99 13.90
C VAL C 140 -20.71 -20.75 13.10
N TYR C 141 -20.28 -20.69 11.84
CA TYR C 141 -20.47 -19.44 11.07
C TYR C 141 -21.93 -19.31 10.61
N LYS C 142 -22.64 -20.43 10.52
CA LYS C 142 -24.09 -20.39 10.21
C LYS C 142 -24.81 -19.74 11.39
N GLU C 143 -24.45 -20.15 12.60
CA GLU C 143 -25.08 -19.61 13.82
C GLU C 143 -24.78 -18.12 13.95
N LEU C 144 -23.50 -17.77 13.87
CA LEU C 144 -23.09 -16.36 14.04
C LEU C 144 -23.75 -15.53 12.95
N ARG C 145 -23.85 -16.09 11.75
CA ARG C 145 -24.45 -15.34 10.63
C ARG C 145 -25.92 -15.07 10.94
N LEU C 146 -26.59 -16.05 11.55
CA LEU C 146 -28.03 -15.89 11.84
C LEU C 146 -28.20 -14.75 12.84
N ARG C 147 -27.18 -14.54 13.66
CA ARG C 147 -27.25 -13.49 14.70
C ARG C 147 -26.71 -12.17 14.15
N GLY C 148 -26.35 -12.11 12.88
CA GLY C 148 -25.93 -10.83 12.28
C GLY C 148 -24.43 -10.69 12.06
N TYR C 149 -23.67 -11.72 12.38
CA TYR C 149 -22.22 -11.64 12.26
C TYR C 149 -21.80 -12.37 11.00
N ASP C 150 -21.41 -11.62 9.94
CA ASP C 150 -21.05 -12.22 8.67
C ASP C 150 -19.53 -12.14 8.52
N TYR C 151 -18.87 -13.27 8.73
CA TYR C 151 -17.43 -13.36 8.63
C TYR C 151 -17.06 -14.10 7.35
N GLY C 152 -16.21 -13.48 6.55
CA GLY C 152 -15.62 -14.13 5.40
C GLY C 152 -14.41 -14.97 5.79
N PRO C 153 -13.82 -15.62 4.79
CA PRO C 153 -12.77 -16.62 5.07
C PRO C 153 -11.63 -16.15 5.97
N HIS C 154 -11.14 -14.92 5.81
CA HIS C 154 -10.01 -14.48 6.61
C HIS C 154 -10.36 -14.34 8.08
N PHE C 155 -11.64 -14.24 8.43
CA PHE C 155 -12.06 -14.15 9.82
C PHE C 155 -12.78 -15.39 10.30
N GLN C 156 -12.80 -16.47 9.52
CA GLN C 156 -13.38 -17.73 9.95
C GLN C 156 -12.29 -18.61 10.55
N GLY C 157 -11.78 -18.17 11.70
CA GLY C 157 -10.70 -18.84 12.38
C GLY C 157 -11.13 -19.81 13.46
N ILE C 158 -12.41 -19.81 13.81
CA ILE C 158 -12.92 -20.82 14.73
C ILE C 158 -13.03 -22.11 13.91
N LEU C 159 -12.22 -23.11 14.25
CA LEU C 159 -12.29 -24.38 13.54
C LEU C 159 -13.33 -25.29 14.18
N GLU C 160 -13.44 -25.26 15.50
CA GLU C 160 -14.43 -26.06 16.22
C GLU C 160 -14.72 -25.36 17.53
N ALA C 161 -15.95 -25.52 18.03
CA ALA C 161 -16.35 -24.95 19.30
C ALA C 161 -17.24 -25.91 20.06
N SER C 162 -17.11 -25.91 21.39
CA SER C 162 -17.97 -26.71 22.23
C SER C 162 -19.42 -26.28 22.05
N LEU C 163 -20.34 -27.17 22.45
CA LEU C 163 -21.77 -26.92 22.24
C LEU C 163 -22.22 -25.64 22.92
N GLU C 164 -21.76 -25.40 24.15
CA GLU C 164 -22.10 -24.19 24.89
C GLU C 164 -21.16 -23.02 24.63
N GLY C 165 -20.12 -23.21 23.84
CA GLY C 165 -19.24 -22.11 23.46
C GLY C 165 -18.22 -21.70 24.50
N ASP C 166 -17.83 -22.59 25.41
CA ASP C 166 -16.85 -22.27 26.44
C ASP C 166 -15.46 -22.79 26.09
N SER C 167 -15.31 -23.47 24.96
CA SER C 167 -14.00 -23.94 24.53
C SER C 167 -14.02 -24.13 23.02
N GLY C 168 -12.83 -24.20 22.45
CA GLY C 168 -12.73 -24.42 21.02
C GLY C 168 -11.31 -24.41 20.54
N ARG C 169 -11.17 -24.27 19.22
CA ARG C 169 -9.88 -24.32 18.54
C ARG C 169 -9.81 -23.22 17.51
N LEU C 170 -8.78 -22.38 17.58
CA LEU C 170 -8.63 -21.21 16.74
C LEU C 170 -7.44 -21.38 15.81
N LEU C 171 -7.66 -21.04 14.53
CA LEU C 171 -6.60 -21.04 13.54
C LEU C 171 -5.65 -19.89 13.80
N TRP C 172 -4.36 -20.12 13.52
CA TRP C 172 -3.33 -19.07 13.58
C TRP C 172 -2.70 -18.89 12.20
N LYS C 173 -2.72 -17.65 11.70
CA LYS C 173 -2.18 -17.35 10.39
C LYS C 173 -1.20 -16.18 10.45
N ASP C 174 -0.47 -16.04 11.56
CA ASP C 174 0.40 -14.89 11.81
C ASP C 174 -0.34 -13.57 11.58
N ASN C 175 -1.60 -13.54 12.01
CA ASN C 175 -2.46 -12.37 11.90
C ASN C 175 -3.05 -12.17 13.29
N TRP C 176 -2.53 -11.19 14.03
CA TRP C 176 -3.02 -10.95 15.38
C TRP C 176 -4.43 -10.41 15.37
N VAL C 177 -4.78 -9.63 14.33
CA VAL C 177 -6.08 -8.98 14.29
C VAL C 177 -7.19 -10.02 14.13
N SER C 178 -7.04 -10.93 13.18
CA SER C 178 -8.09 -11.93 12.98
C SER C 178 -8.09 -12.97 14.09
N PHE C 179 -6.91 -13.35 14.61
CA PHE C 179 -6.87 -14.27 15.74
C PHE C 179 -7.63 -13.72 16.94
N MET C 180 -7.29 -12.48 17.32
CA MET C 180 -7.93 -11.88 18.47
C MET C 180 -9.42 -11.64 18.20
N ASP C 181 -9.78 -11.37 16.94
CA ASP C 181 -11.20 -11.26 16.62
C ASP C 181 -11.93 -12.58 16.83
N THR C 182 -11.29 -13.70 16.50
CA THR C 182 -11.98 -14.98 16.72
C THR C 182 -12.11 -15.30 18.21
N MET C 183 -11.21 -14.75 19.04
CA MET C 183 -11.45 -14.84 20.48
C MET C 183 -12.71 -14.07 20.90
N LEU C 184 -12.89 -12.87 20.34
CA LEU C 184 -14.15 -12.15 20.60
C LEU C 184 -15.36 -12.88 20.02
N GLN C 185 -15.20 -13.55 18.87
CA GLN C 185 -16.30 -14.34 18.30
C GLN C 185 -16.70 -15.45 19.24
N MET C 186 -15.71 -16.13 19.84
CA MET C 186 -15.99 -17.17 20.81
C MET C 186 -16.76 -16.60 21.98
N SER C 187 -16.44 -15.39 22.44
CA SER C 187 -17.11 -14.81 23.64
C SER C 187 -18.58 -14.60 23.33
N ILE C 188 -18.93 -14.39 22.08
CA ILE C 188 -20.31 -14.13 21.63
C ILE C 188 -21.08 -15.43 21.40
N LEU C 189 -20.40 -16.48 20.98
CA LEU C 189 -21.08 -17.72 20.57
C LEU C 189 -22.00 -18.26 21.67
N GLY C 190 -21.53 -18.25 22.90
CA GLY C 190 -22.32 -18.81 24.01
C GLY C 190 -23.43 -17.89 24.46
N SER C 191 -23.49 -16.68 23.92
CA SER C 191 -24.51 -15.73 24.39
C SER C 191 -25.87 -16.17 23.88
N ALA C 192 -26.90 -15.83 24.65
CA ALA C 192 -28.28 -16.14 24.22
C ALA C 192 -28.95 -14.82 23.88
N LYS C 193 -28.23 -13.75 24.10
CA LYS C 193 -28.80 -12.46 23.72
C LYS C 193 -29.14 -12.60 22.25
N HIS C 194 -30.25 -12.02 21.84
CA HIS C 194 -30.55 -12.06 20.39
C HIS C 194 -30.07 -10.74 19.80
N GLY C 195 -29.50 -10.82 18.60
CA GLY C 195 -29.14 -9.59 17.91
C GLY C 195 -27.66 -9.33 17.87
N LEU C 196 -27.31 -8.18 17.29
CA LEU C 196 -25.89 -7.83 17.16
C LEU C 196 -25.42 -7.10 18.40
N TYR C 197 -24.43 -7.65 19.06
CA TYR C 197 -23.78 -6.97 20.19
C TYR C 197 -22.34 -6.68 19.76
N LEU C 198 -21.90 -5.45 19.93
CA LEU C 198 -20.54 -5.04 19.55
C LEU C 198 -19.76 -4.64 20.81
N PRO C 199 -18.43 -4.79 20.80
CA PRO C 199 -17.62 -4.43 21.94
C PRO C 199 -17.67 -2.93 22.28
N THR C 200 -17.67 -2.61 23.57
CA THR C 200 -17.75 -1.20 24.03
C THR C 200 -16.59 -0.90 24.98
N ARG C 201 -16.21 -1.88 25.78
CA ARG C 201 -15.12 -1.70 26.75
C ARG C 201 -14.40 -3.03 27.01
N VAL C 202 -13.13 -2.97 27.35
CA VAL C 202 -12.37 -4.18 27.73
C VAL C 202 -11.48 -3.77 28.89
N THR C 203 -11.66 -4.38 30.05
CA THR C 203 -10.89 -3.97 31.25
C THR C 203 -9.40 -4.22 31.02
N ALA C 204 -9.03 -5.38 30.50
CA ALA C 204 -7.60 -5.60 30.34
C ALA C 204 -7.34 -6.64 29.27
N ILE C 205 -6.28 -6.42 28.49
CA ILE C 205 -5.81 -7.39 27.52
C ILE C 205 -4.31 -7.55 27.68
N HIS C 206 -3.86 -8.78 27.85
CA HIS C 206 -2.43 -9.10 27.92
C HIS C 206 -2.05 -9.90 26.68
N ILE C 207 -0.94 -9.55 26.04
CA ILE C 207 -0.39 -10.31 24.92
C ILE C 207 1.09 -10.56 25.19
N ASP C 208 1.49 -11.84 25.14
CA ASP C 208 2.90 -12.22 25.21
C ASP C 208 3.20 -13.11 24.01
N PRO C 209 3.81 -12.56 22.96
CA PRO C 209 4.08 -13.38 21.77
C PRO C 209 4.97 -14.59 22.03
N ALA C 210 5.86 -14.53 23.03
CA ALA C 210 6.71 -15.68 23.34
C ALA C 210 5.88 -16.86 23.86
N THR C 211 5.02 -16.59 24.84
CA THR C 211 4.10 -17.62 25.30
C THR C 211 3.17 -18.07 24.18
N HIS C 212 2.74 -17.13 23.34
CA HIS C 212 1.88 -17.47 22.21
C HIS C 212 2.53 -18.54 21.32
N ARG C 213 3.81 -18.37 21.01
CA ARG C 213 4.48 -19.34 20.15
C ARG C 213 4.61 -20.70 20.84
N GLN C 214 4.83 -20.69 22.16
CA GLN C 214 4.91 -21.96 22.89
C GLN C 214 3.58 -22.71 22.91
N LYS C 215 2.46 -21.98 22.95
CA LYS C 215 1.15 -22.61 23.09
C LYS C 215 0.54 -23.07 21.76
N LEU C 216 1.06 -22.59 20.64
CA LEU C 216 0.60 -23.04 19.32
C LEU C 216 0.97 -24.51 19.11
N TYR C 217 0.13 -25.19 18.33
CA TYR C 217 0.39 -26.60 17.99
C TYR C 217 -0.05 -26.79 16.54
N THR C 218 0.43 -27.86 15.91
CA THR C 218 0.16 -28.07 14.48
C THR C 218 -0.70 -29.32 14.26
N LEU C 219 -1.61 -29.25 13.31
CA LEU C 219 -2.48 -30.39 12.99
C LEU C 219 -1.78 -31.23 11.91
N GLN C 220 -2.42 -32.34 11.52
CA GLN C 220 -1.85 -33.23 10.48
C GLN C 220 -1.77 -32.45 9.16
N ASP C 221 -2.68 -31.51 8.96
CA ASP C 221 -2.71 -30.76 7.67
C ASP C 221 -1.76 -29.57 7.74
N LYS C 222 -0.95 -29.48 8.81
CA LYS C 222 0.10 -28.42 8.91
C LYS C 222 -0.49 -27.11 9.43
N ALA C 223 -1.81 -27.04 9.57
CA ALA C 223 -2.42 -25.82 10.13
C ALA C 223 -1.95 -25.59 11.55
N GLN C 224 -1.70 -24.33 11.91
CA GLN C 224 -1.31 -23.99 13.30
C GLN C 224 -2.58 -23.54 14.06
N VAL C 225 -2.72 -23.95 15.31
CA VAL C 225 -3.92 -23.67 16.07
C VAL C 225 -3.57 -23.39 17.52
N ALA C 226 -4.49 -22.74 18.21
CA ALA C 226 -4.43 -22.55 19.65
C ALA C 226 -5.79 -22.89 20.24
N ASP C 227 -5.78 -23.51 21.41
CA ASP C 227 -7.02 -23.80 22.12
C ASP C 227 -7.53 -22.54 22.80
N VAL C 228 -8.84 -22.33 22.78
CA VAL C 228 -9.46 -21.18 23.42
C VAL C 228 -10.42 -21.66 24.50
N VAL C 229 -10.46 -20.91 25.62
CA VAL C 229 -11.41 -21.14 26.71
C VAL C 229 -12.13 -19.81 26.98
N VAL C 230 -13.43 -19.88 27.19
CA VAL C 230 -14.26 -18.68 27.47
C VAL C 230 -15.01 -18.88 28.80
N SER C 231 -14.75 -18.06 29.80
CA SER C 231 -15.51 -18.09 31.07
C SER C 231 -16.27 -16.78 31.26
N ARG C 232 -17.53 -16.77 30.84
CA ARG C 232 -18.38 -15.58 31.00
C ARG C 232 -18.47 -15.24 32.48
N TRP C 233 -18.59 -16.25 33.34
CA TRP C 233 -18.68 -16.02 34.79
C TRP C 233 -17.46 -15.26 35.27
N LEU C 234 -16.28 -15.67 34.83
CA LEU C 234 -15.01 -15.00 35.25
C LEU C 234 -14.68 -13.81 34.33
N ARG C 235 -15.46 -13.61 33.29
CA ARG C 235 -15.22 -12.51 32.33
C ARG C 235 -13.81 -12.68 31.75
N VAL C 236 -13.50 -13.88 31.30
CA VAL C 236 -12.16 -14.13 30.74
C VAL C 236 -12.23 -15.01 29.49
N THR C 237 -11.59 -14.58 28.41
CA THR C 237 -11.38 -15.40 27.22
C THR C 237 -9.89 -15.49 26.99
N VAL C 238 -9.36 -16.71 26.89
CA VAL C 238 -7.92 -16.88 26.81
C VAL C 238 -7.58 -17.90 25.73
N ALA C 239 -6.55 -17.60 24.95
CA ALA C 239 -6.10 -18.49 23.89
C ALA C 239 -4.68 -18.10 23.49
N GLY C 240 -3.83 -19.10 23.31
CA GLY C 240 -2.43 -18.83 22.99
C GLY C 240 -1.83 -17.93 24.05
N GLY C 241 -1.15 -16.88 23.60
CA GLY C 241 -0.59 -15.89 24.50
C GLY C 241 -1.42 -14.63 24.57
N VAL C 242 -2.73 -14.75 24.47
CA VAL C 242 -3.65 -13.62 24.57
C VAL C 242 -4.65 -13.89 25.69
N HIS C 243 -4.80 -12.91 26.58
CA HIS C 243 -5.72 -12.97 27.72
C HIS C 243 -6.59 -11.74 27.68
N ILE C 244 -7.91 -11.94 27.53
CA ILE C 244 -8.89 -10.86 27.44
C ILE C 244 -9.77 -10.93 28.67
N SER C 245 -9.83 -9.84 29.43
CA SER C 245 -10.53 -9.77 30.70
C SER C 245 -11.51 -8.61 30.69
N GLY C 246 -12.75 -8.88 31.09
CA GLY C 246 -13.71 -7.81 31.28
C GLY C 246 -14.26 -7.22 29.99
N LEU C 247 -14.58 -8.07 29.02
CA LEU C 247 -15.21 -7.59 27.77
C LEU C 247 -16.63 -7.13 28.03
N HIS C 248 -16.96 -5.91 27.61
CA HIS C 248 -18.33 -5.41 27.72
C HIS C 248 -18.86 -5.21 26.29
N THR C 249 -20.09 -5.60 26.05
CA THR C 249 -20.71 -5.46 24.72
C THR C 249 -22.02 -4.69 24.86
N GLU C 250 -22.52 -4.19 23.75
CA GLU C 250 -23.82 -3.50 23.78
C GLU C 250 -24.54 -3.79 22.47
N SER C 251 -25.86 -3.71 22.51
CA SER C 251 -26.68 -3.98 21.31
C SER C 251 -26.41 -2.91 20.25
N ALA C 252 -26.50 -3.32 18.99
CA ALA C 252 -26.34 -2.37 17.87
C ALA C 252 -27.08 -2.88 16.64
N SER D 1 -0.77 -1.52 5.59
CA SER D 1 -1.01 -0.10 5.79
C SER D 1 0.24 0.72 5.49
N GLU D 2 0.05 1.94 5.01
CA GLU D 2 1.13 2.93 4.97
C GLU D 2 1.13 3.67 6.29
N ASN D 3 2.28 3.69 6.95
CA ASN D 3 2.37 4.22 8.31
C ASN D 3 3.18 5.52 8.32
N LEU D 4 2.65 6.53 8.99
CA LEU D 4 3.28 7.84 9.11
C LEU D 4 3.54 8.11 10.59
N TYR D 5 4.78 8.46 10.94
CA TYR D 5 5.15 8.58 12.34
C TYR D 5 5.48 10.02 12.71
N PHE D 6 5.17 10.38 13.95
CA PHE D 6 5.30 11.75 14.44
C PHE D 6 5.99 11.77 15.80
N GLN D 7 6.99 12.65 15.95
CA GLN D 7 7.75 12.69 17.19
C GLN D 7 6.98 13.30 18.36
N SER D 8 5.94 14.09 18.08
CA SER D 8 5.08 14.67 19.11
C SER D 8 3.88 15.30 18.42
N ALA D 9 2.86 15.59 19.21
CA ALA D 9 1.68 16.26 18.70
C ALA D 9 1.03 17.04 19.83
N ALA D 10 0.13 17.94 19.45
CA ALA D 10 -0.60 18.73 20.42
C ALA D 10 -1.93 19.14 19.81
N ILE D 11 -2.96 19.24 20.64
CA ILE D 11 -4.27 19.67 20.19
C ILE D 11 -4.63 20.94 20.92
N TYR D 12 -5.04 21.95 20.16
CA TYR D 12 -5.40 23.26 20.68
C TYR D 12 -6.91 23.41 20.50
N ASN D 13 -7.62 23.32 21.62
CA ASN D 13 -9.06 23.48 21.64
C ASN D 13 -9.33 24.95 21.95
N ILE D 14 -9.80 25.67 20.94
CA ILE D 14 -9.92 27.13 21.06
C ILE D 14 -11.37 27.57 21.18
N ASP D 15 -11.62 28.44 22.15
CA ASP D 15 -12.98 28.98 22.42
C ASP D 15 -12.89 30.49 22.28
N THR D 16 -13.86 31.08 21.60
CA THR D 16 -13.86 32.54 21.31
C THR D 16 -14.75 33.28 22.33
N SER D 17 -15.18 32.60 23.39
CA SER D 17 -16.00 33.23 24.46
C SER D 17 -15.25 34.37 25.16
N SER D 18 -15.98 35.32 25.73
CA SER D 18 -15.40 36.51 26.38
C SER D 18 -14.50 36.13 27.56
N GLU D 19 -14.73 34.97 28.15
CA GLU D 19 -13.88 34.49 29.26
C GLU D 19 -12.60 33.87 28.72
N SER D 20 -12.56 33.54 27.45
CA SER D 20 -11.36 32.84 26.90
C SER D 20 -10.24 33.82 26.55
N PRO D 21 -8.98 33.42 26.76
CA PRO D 21 -7.83 34.22 26.34
C PRO D 21 -7.81 34.34 24.81
N ASP D 22 -8.64 33.54 24.13
CA ASP D 22 -8.70 33.54 22.65
C ASP D 22 -9.92 34.31 22.15
N HIS D 23 -10.55 35.09 23.02
CA HIS D 23 -11.67 35.91 22.58
C HIS D 23 -11.27 36.90 21.48
N TYR D 24 -10.03 37.41 21.52
CA TYR D 24 -9.59 38.41 20.55
C TYR D 24 -9.83 37.97 19.12
N LEU D 25 -9.88 36.66 18.87
CA LEU D 25 -10.05 36.14 17.53
C LEU D 25 -11.37 36.56 16.89
N VAL D 26 -12.36 36.96 17.68
CA VAL D 26 -13.63 37.37 17.07
C VAL D 26 -13.46 38.61 16.20
N ASP D 27 -12.34 39.32 16.32
CA ASP D 27 -12.14 40.53 15.54
C ASP D 27 -11.39 40.28 14.23
N HIS D 28 -11.22 39.01 13.85
CA HIS D 28 -10.61 38.64 12.55
C HIS D 28 -11.68 37.86 11.79
N THR D 29 -12.53 38.57 11.08
CA THR D 29 -13.71 37.96 10.47
C THR D 29 -13.70 38.00 8.95
N LEU D 30 -14.53 37.13 8.37
CA LEU D 30 -14.78 37.08 6.93
C LEU D 30 -16.28 36.88 6.70
N ASP D 31 -16.95 37.88 6.11
CA ASP D 31 -18.40 37.80 5.83
C ASP D 31 -19.14 37.45 7.09
N GLY D 32 -18.72 38.10 8.14
CA GLY D 32 -19.25 37.82 9.42
C GLY D 32 -18.82 36.52 10.02
N ARG D 33 -17.95 35.76 9.45
CA ARG D 33 -17.60 34.57 10.26
C ARG D 33 -16.17 34.73 10.80
N VAL D 34 -15.86 34.11 11.92
CA VAL D 34 -14.50 34.12 12.43
C VAL D 34 -13.62 33.32 11.48
N LEU D 35 -12.65 34.01 10.90
CA LEU D 35 -11.66 33.37 10.05
C LEU D 35 -10.43 33.20 10.92
N PHE D 36 -10.03 31.95 11.15
CA PHE D 36 -8.82 31.71 11.93
C PHE D 36 -7.62 32.27 11.18
N PRO D 37 -6.82 33.12 11.80
CA PRO D 37 -5.74 33.79 11.05
C PRO D 37 -4.58 32.85 10.78
N ALA D 38 -3.96 33.02 9.61
CA ALA D 38 -2.73 32.27 9.28
C ALA D 38 -1.68 32.39 10.38
N THR D 39 -1.57 33.58 10.97
CA THR D 39 -0.58 33.78 12.02
C THR D 39 -0.95 33.00 13.29
N GLY D 40 -2.23 32.65 13.45
CA GLY D 40 -2.60 31.75 14.54
C GLY D 40 -2.04 30.35 14.39
N TYR D 41 -1.97 29.86 13.15
CA TYR D 41 -1.31 28.58 12.90
C TYR D 41 0.15 28.65 13.28
N LEU D 42 0.82 29.75 12.89
CA LEU D 42 2.21 29.90 13.31
C LEU D 42 2.34 29.82 14.83
N SER D 43 1.41 30.46 15.54
CA SER D 43 1.47 30.46 17.00
C SER D 43 1.39 29.05 17.58
N ILE D 44 0.40 28.26 17.13
CA ILE D 44 0.24 26.95 17.75
C ILE D 44 1.36 25.99 17.34
N VAL D 45 1.92 26.14 16.14
CA VAL D 45 3.08 25.34 15.76
C VAL D 45 4.29 25.71 16.64
N TRP D 46 4.52 27.01 16.82
CA TRP D 46 5.59 27.49 17.68
C TRP D 46 5.44 26.93 19.09
N LYS D 47 4.22 26.93 19.63
CA LYS D 47 3.97 26.40 20.97
C LYS D 47 4.25 24.91 21.03
N THR D 48 3.98 24.20 19.94
CA THR D 48 4.20 22.75 19.92
C THR D 48 5.69 22.43 19.91
N LEU D 49 6.47 23.16 19.12
CA LEU D 49 7.91 23.01 19.16
C LEU D 49 8.47 23.35 20.53
N ALA D 50 7.98 24.44 21.14
CA ALA D 50 8.42 24.82 22.47
C ALA D 50 8.17 23.71 23.47
N ARG D 51 7.01 23.06 23.39
CA ARG D 51 6.73 21.93 24.27
C ARG D 51 7.74 20.82 24.07
N ALA D 52 8.08 20.52 22.81
CA ALA D 52 9.05 19.46 22.54
C ALA D 52 10.43 19.79 23.09
N LEU D 53 10.76 21.09 23.16
CA LEU D 53 12.06 21.54 23.62
C LEU D 53 12.10 21.86 25.11
N GLY D 54 10.96 21.76 25.80
CA GLY D 54 10.90 22.13 27.20
C GLY D 54 11.07 23.61 27.46
N LEU D 55 10.64 24.45 26.51
CA LEU D 55 10.82 25.90 26.58
C LEU D 55 9.48 26.61 26.51
N GLY D 56 9.49 27.87 26.95
CA GLY D 56 8.44 28.81 26.60
C GLY D 56 8.76 29.49 25.28
N VAL D 57 7.71 29.93 24.57
CA VAL D 57 7.92 30.55 23.27
C VAL D 57 8.84 31.77 23.37
N GLU D 58 8.76 32.53 24.47
CA GLU D 58 9.60 33.70 24.59
C GLU D 58 11.08 33.37 24.70
N GLN D 59 11.44 32.11 24.98
CA GLN D 59 12.83 31.68 24.97
C GLN D 59 13.15 30.85 23.75
N LEU D 60 12.29 30.88 22.74
CA LEU D 60 12.40 30.05 21.54
C LEU D 60 12.41 30.93 20.31
N PRO D 61 13.56 31.49 19.93
CA PRO D 61 13.68 32.04 18.58
C PRO D 61 13.48 30.91 17.59
N VAL D 62 12.71 31.20 16.53
CA VAL D 62 12.15 30.14 15.71
C VAL D 62 12.17 30.55 14.23
N VAL D 63 12.35 29.55 13.37
CA VAL D 63 12.27 29.71 11.93
C VAL D 63 11.17 28.80 11.38
N PHE D 64 10.32 29.36 10.51
CA PHE D 64 9.40 28.62 9.67
C PHE D 64 9.90 28.69 8.23
N GLU D 65 9.82 27.58 7.50
CA GLU D 65 10.22 27.56 6.09
C GLU D 65 9.22 26.77 5.26
N ASP D 66 9.02 27.21 4.01
CA ASP D 66 8.19 26.50 3.03
C ASP D 66 6.79 26.23 3.58
N VAL D 67 6.21 27.23 4.23
CA VAL D 67 4.87 27.10 4.78
C VAL D 67 3.85 27.11 3.65
N VAL D 68 2.93 26.15 3.70
CA VAL D 68 1.85 26.05 2.72
C VAL D 68 0.53 25.99 3.47
N LEU D 69 -0.39 26.89 3.12
CA LEU D 69 -1.73 26.89 3.70
C LEU D 69 -2.68 26.27 2.69
N HIS D 70 -3.25 25.13 3.08
CA HIS D 70 -4.02 24.29 2.17
C HIS D 70 -5.50 24.65 2.14
N GLN D 71 -6.01 25.28 3.19
CA GLN D 71 -7.39 25.70 3.24
C GLN D 71 -7.54 26.72 4.35
N ALA D 72 -8.61 27.51 4.27
CA ALA D 72 -8.95 28.46 5.32
C ALA D 72 -9.85 27.77 6.33
N THR D 73 -9.79 28.25 7.57
CA THR D 73 -10.58 27.70 8.67
C THR D 73 -11.58 28.75 9.13
N ILE D 74 -12.84 28.49 8.84
CA ILE D 74 -13.95 29.30 9.28
C ILE D 74 -14.65 28.68 10.50
N LEU D 75 -14.74 29.42 11.56
CA LEU D 75 -15.32 28.81 12.77
C LEU D 75 -16.85 28.79 12.66
N PRO D 76 -17.50 27.83 13.31
CA PRO D 76 -18.94 27.80 13.36
C PRO D 76 -19.46 28.87 14.34
N LYS D 77 -20.78 28.99 14.45
CA LYS D 77 -21.43 30.00 15.32
C LYS D 77 -21.12 29.69 16.78
N THR D 78 -20.82 28.43 17.06
CA THR D 78 -20.47 27.97 18.42
C THR D 78 -19.17 28.66 18.88
N GLY D 79 -18.38 29.16 17.94
CA GLY D 79 -17.15 29.91 18.28
C GLY D 79 -15.99 29.03 18.70
N THR D 80 -16.01 27.77 18.29
CA THR D 80 -14.98 26.81 18.74
C THR D 80 -14.27 26.14 17.57
N VAL D 81 -13.01 25.79 17.79
CA VAL D 81 -12.24 25.04 16.77
C VAL D 81 -11.21 24.18 17.50
N SER D 82 -10.93 23.01 16.94
CA SER D 82 -9.91 22.13 17.49
C SER D 82 -8.85 21.92 16.41
N LEU D 83 -7.63 22.40 16.68
CA LEU D 83 -6.55 22.34 15.70
C LEU D 83 -5.45 21.44 16.23
N GLU D 84 -5.04 20.46 15.45
CA GLU D 84 -3.96 19.57 15.88
C GLU D 84 -2.68 19.89 15.13
N VAL D 85 -1.58 19.95 15.87
CA VAL D 85 -0.25 20.12 15.30
C VAL D 85 0.50 18.81 15.49
N ARG D 86 1.11 18.31 14.42
CA ARG D 86 1.97 17.13 14.46
C ARG D 86 3.35 17.52 14.01
N LEU D 87 4.37 17.08 14.75
CA LEU D 87 5.76 17.24 14.33
C LEU D 87 6.24 15.91 13.77
N LEU D 88 6.68 15.90 12.52
CA LEU D 88 7.04 14.64 11.88
C LEU D 88 8.29 14.05 12.52
N GLU D 89 8.35 12.73 12.53
CA GLU D 89 9.47 12.00 13.15
C GLU D 89 10.81 12.38 12.51
N ALA D 90 11.80 12.68 13.35
CA ALA D 90 13.18 12.88 12.90
C ALA D 90 13.25 13.87 11.74
N SER D 91 12.50 14.96 11.87
CA SER D 91 12.31 15.91 10.78
C SER D 91 11.92 17.26 11.38
N ARG D 92 12.13 18.31 10.59
CA ARG D 92 11.62 19.63 10.94
C ARG D 92 10.20 19.85 10.45
N ALA D 93 9.66 18.94 9.66
CA ALA D 93 8.36 19.15 9.05
C ALA D 93 7.25 19.11 10.10
N PHE D 94 6.20 19.89 9.85
CA PHE D 94 5.04 19.91 10.71
C PHE D 94 3.77 19.87 9.86
N GLU D 95 2.68 19.50 10.52
CA GLU D 95 1.35 19.53 9.94
C GLU D 95 0.38 20.13 10.93
N VAL D 96 -0.58 20.89 10.43
CA VAL D 96 -1.72 21.37 11.21
C VAL D 96 -2.96 20.80 10.54
N SER D 97 -3.84 20.20 11.32
CA SER D 97 -5.05 19.60 10.77
C SER D 97 -6.26 20.02 11.58
N GLU D 98 -7.41 19.98 10.93
CA GLU D 98 -8.69 20.18 11.58
C GLU D 98 -9.63 19.10 11.08
N ASN D 99 -10.18 18.31 12.01
CA ASN D 99 -11.00 17.15 11.66
C ASN D 99 -10.26 16.22 10.70
N GLY D 100 -8.95 16.08 10.88
CA GLY D 100 -8.19 15.23 10.01
C GLY D 100 -7.81 15.86 8.68
N ASN D 101 -8.41 17.00 8.33
CA ASN D 101 -8.09 17.69 7.08
C ASN D 101 -6.81 18.49 7.25
N LEU D 102 -5.90 18.38 6.28
CA LEU D 102 -4.66 19.12 6.35
C LEU D 102 -4.92 20.61 6.09
N VAL D 103 -4.49 21.46 7.01
CA VAL D 103 -4.66 22.90 6.91
C VAL D 103 -3.34 23.59 6.58
N VAL D 104 -2.25 23.19 7.25
CA VAL D 104 -0.94 23.82 7.06
C VAL D 104 0.12 22.73 7.03
N SER D 105 1.12 22.90 6.18
CA SER D 105 2.34 22.12 6.23
C SER D 105 3.54 23.04 6.06
N GLY D 106 4.71 22.54 6.39
CA GLY D 106 5.92 23.34 6.31
C GLY D 106 6.97 22.76 7.24
N LYS D 107 8.00 23.56 7.49
CA LYS D 107 9.09 23.20 8.36
C LYS D 107 9.21 24.26 9.45
N VAL D 108 9.60 23.82 10.64
CA VAL D 108 9.78 24.72 11.77
C VAL D 108 10.97 24.22 12.57
N TYR D 109 11.79 25.16 13.02
CA TYR D 109 12.97 24.75 13.79
C TYR D 109 13.50 25.85 14.73
N GLN D 110 14.15 25.42 15.80
CA GLN D 110 14.79 26.36 16.73
C GLN D 110 15.87 27.15 15.98
N TRP D 111 15.88 28.46 16.17
CA TRP D 111 16.91 29.29 15.53
C TRP D 111 18.12 29.36 16.47
N ASP D 112 19.19 28.72 16.07
CA ASP D 112 20.42 28.76 16.89
C ASP D 112 21.19 30.04 16.57
N ASP D 113 21.73 30.67 17.58
CA ASP D 113 22.50 31.94 17.40
C ASP D 113 21.65 32.91 16.57
N PRO D 114 20.50 33.36 17.08
CA PRO D 114 19.72 34.32 16.34
C PRO D 114 20.60 35.55 16.03
N ASP D 115 20.42 36.15 14.86
CA ASP D 115 21.18 37.36 14.43
C ASP D 115 20.25 38.58 14.35
N PRO D 116 20.37 39.54 15.28
CA PRO D 116 19.50 40.70 15.28
C PRO D 116 19.54 41.54 13.99
N ARG D 117 20.63 41.44 13.23
CA ARG D 117 20.81 42.23 11.99
C ARG D 117 19.73 41.91 10.95
N LEU D 118 19.10 40.74 11.03
CA LEU D 118 18.07 40.38 10.02
C LEU D 118 16.90 41.34 10.13
N PHE D 119 16.70 41.95 11.29
CA PHE D 119 15.50 42.79 11.50
C PHE D 119 15.82 44.26 11.23
N ASP D 120 17.06 44.57 10.89
CA ASP D 120 17.49 45.96 10.60
C ASP D 120 17.24 46.21 9.11
N HIS D 121 17.35 45.17 8.31
CA HIS D 121 17.06 45.25 6.86
C HIS D 121 15.91 44.29 6.50
N PHE D 134 0.60 60.57 5.41
CA PHE D 134 0.57 59.31 6.17
C PHE D 134 -0.87 58.97 6.52
N LEU D 135 -1.15 57.71 6.83
CA LEU D 135 -2.58 57.38 7.03
C LEU D 135 -2.76 57.08 8.50
N ALA D 136 -3.85 57.60 9.07
CA ALA D 136 -4.15 57.33 10.47
C ALA D 136 -4.91 56.01 10.59
N GLN D 137 -4.99 55.46 11.80
CA GLN D 137 -5.62 54.14 12.05
C GLN D 137 -7.00 54.03 11.41
N ALA D 138 -7.87 54.98 11.69
CA ALA D 138 -9.24 54.91 11.17
C ALA D 138 -9.24 54.94 9.64
N GLU D 139 -8.35 55.71 9.06
CA GLU D 139 -8.25 55.76 7.58
C GLU D 139 -7.76 54.42 7.06
N VAL D 140 -6.80 53.82 7.75
CA VAL D 140 -6.24 52.51 7.32
C VAL D 140 -7.36 51.47 7.30
N TYR D 141 -8.17 51.44 8.34
CA TYR D 141 -9.17 50.35 8.47
C TYR D 141 -10.40 50.63 7.61
N LYS D 142 -10.60 51.89 7.22
CA LYS D 142 -11.70 52.21 6.29
C LYS D 142 -11.27 51.72 4.91
N GLU D 143 -10.00 51.91 4.58
CA GLU D 143 -9.48 51.47 3.27
C GLU D 143 -9.53 49.95 3.17
N LEU D 144 -8.98 49.26 4.15
CA LEU D 144 -8.97 47.77 4.15
C LEU D 144 -10.41 47.28 4.08
N ARG D 145 -11.30 47.93 4.81
CA ARG D 145 -12.73 47.50 4.85
C ARG D 145 -13.36 47.68 3.48
N LEU D 146 -12.96 48.73 2.78
CA LEU D 146 -13.50 48.99 1.43
C LEU D 146 -12.95 47.93 0.47
N ARG D 147 -11.71 47.50 0.71
CA ARG D 147 -11.09 46.48 -0.16
C ARG D 147 -11.66 45.10 0.19
N GLY D 148 -12.40 45.01 1.29
CA GLY D 148 -13.06 43.77 1.64
C GLY D 148 -12.58 43.09 2.90
N TYR D 149 -11.69 43.71 3.65
CA TYR D 149 -11.07 43.15 4.84
C TYR D 149 -11.60 43.82 6.11
N ASP D 150 -12.32 43.06 6.93
CA ASP D 150 -12.95 43.57 8.15
C ASP D 150 -12.16 43.15 9.38
N TYR D 151 -11.58 44.13 10.06
CA TYR D 151 -10.84 43.89 11.31
C TYR D 151 -11.53 44.64 12.45
N GLY D 152 -11.90 43.91 13.51
CA GLY D 152 -12.36 44.55 14.72
C GLY D 152 -11.22 45.04 15.57
N PRO D 153 -11.57 45.66 16.71
CA PRO D 153 -10.57 46.37 17.52
C PRO D 153 -9.32 45.55 17.85
N HIS D 154 -9.47 44.26 18.18
CA HIS D 154 -8.30 43.49 18.58
C HIS D 154 -7.30 43.29 17.45
N PHE D 155 -7.74 43.42 16.20
CA PHE D 155 -6.86 43.29 15.06
C PHE D 155 -6.59 44.61 14.36
N GLN D 156 -7.00 45.73 14.97
CA GLN D 156 -6.66 47.04 14.42
C GLN D 156 -5.38 47.55 15.08
N GLY D 157 -4.29 46.87 14.75
CA GLY D 157 -2.99 47.19 15.29
C GLY D 157 -2.14 48.13 14.45
N ILE D 158 -2.60 48.42 13.24
CA ILE D 158 -1.88 49.42 12.41
C ILE D 158 -2.27 50.80 12.95
N LEU D 159 -1.32 51.48 13.58
CA LEU D 159 -1.57 52.82 14.16
C LEU D 159 -1.41 53.86 13.06
N GLU D 160 -0.48 53.62 12.17
CA GLU D 160 -0.19 54.60 11.11
C GLU D 160 0.51 53.89 9.94
N ALA D 161 0.16 54.27 8.73
CA ALA D 161 0.84 53.70 7.55
C ALA D 161 0.98 54.72 6.42
N SER D 162 2.01 54.56 5.60
CA SER D 162 2.22 55.41 4.42
C SER D 162 1.14 55.14 3.40
N LEU D 163 0.97 56.05 2.46
CA LEU D 163 -0.11 55.87 1.47
C LEU D 163 0.15 54.54 0.78
N GLU D 164 1.38 54.37 0.31
CA GLU D 164 1.64 53.20 -0.56
C GLU D 164 1.63 51.91 0.27
N GLY D 165 1.66 52.02 1.60
CA GLY D 165 1.66 50.82 2.46
C GLY D 165 3.04 50.22 2.64
N ASP D 166 4.09 51.00 2.47
CA ASP D 166 5.48 50.50 2.52
C ASP D 166 6.10 50.64 3.90
N SER D 167 5.55 51.55 4.70
CA SER D 167 6.11 51.77 6.04
C SER D 167 4.97 52.12 7.00
N GLY D 168 5.22 51.96 8.28
CA GLY D 168 4.20 52.27 9.27
C GLY D 168 4.55 51.93 10.69
N ARG D 169 3.57 52.07 11.57
CA ARG D 169 3.75 51.75 13.01
C ARG D 169 2.68 50.75 13.44
N LEU D 170 3.11 49.69 14.13
CA LEU D 170 2.18 48.62 14.57
C LEU D 170 2.20 48.56 16.08
N LEU D 171 1.01 48.41 16.67
CA LEU D 171 0.89 48.34 18.13
C LEU D 171 1.30 46.97 18.65
N TRP D 172 1.90 46.94 19.82
CA TRP D 172 2.18 45.66 20.48
C TRP D 172 1.23 45.56 21.69
N LYS D 173 0.42 44.51 21.71
CA LYS D 173 -0.54 44.28 22.81
C LYS D 173 -0.24 42.91 23.42
N ASP D 174 1.02 42.54 23.50
CA ASP D 174 1.45 41.23 24.06
C ASP D 174 0.69 40.12 23.34
N ASN D 175 0.53 40.26 22.05
CA ASN D 175 -0.20 39.26 21.27
C ASN D 175 0.56 39.02 19.97
N TRP D 176 1.23 37.87 19.86
CA TRP D 176 1.98 37.58 18.64
C TRP D 176 1.08 37.39 17.43
N VAL D 177 -0.12 36.82 17.64
CA VAL D 177 -1.00 36.49 16.53
C VAL D 177 -1.50 37.75 15.86
N SER D 178 -2.00 38.71 16.64
CA SER D 178 -2.52 39.93 16.06
C SER D 178 -1.41 40.82 15.53
N PHE D 179 -0.25 40.84 16.21
CA PHE D 179 0.88 41.61 15.70
C PHE D 179 1.32 41.14 14.32
N MET D 180 1.57 39.84 14.17
CA MET D 180 1.98 39.36 12.86
C MET D 180 0.86 39.52 11.84
N ASP D 181 -0.40 39.41 12.26
CA ASP D 181 -1.48 39.63 11.30
C ASP D 181 -1.46 41.06 10.79
N THR D 182 -1.14 42.03 11.64
CA THR D 182 -1.07 43.40 11.12
C THR D 182 0.13 43.62 10.19
N MET D 183 1.20 42.83 10.34
CA MET D 183 2.19 42.90 9.25
C MET D 183 1.62 42.35 7.93
N LEU D 184 0.83 41.28 7.97
CA LEU D 184 0.18 40.85 6.72
C LEU D 184 -0.78 41.92 6.19
N GLN D 185 -1.42 42.64 7.11
CA GLN D 185 -2.32 43.72 6.70
C GLN D 185 -1.59 44.80 5.90
N MET D 186 -0.35 45.13 6.29
CA MET D 186 0.39 46.15 5.54
C MET D 186 0.55 45.77 4.06
N SER D 187 0.91 44.52 3.77
CA SER D 187 1.00 44.10 2.37
C SER D 187 -0.35 44.22 1.68
N ILE D 188 -1.43 44.17 2.43
CA ILE D 188 -2.78 44.23 1.79
C ILE D 188 -3.07 45.67 1.41
N LEU D 189 -2.52 46.62 2.14
CA LEU D 189 -2.82 48.05 1.90
C LEU D 189 -2.13 48.47 0.62
N GLY D 190 -0.88 48.07 0.44
CA GLY D 190 -0.12 48.44 -0.75
C GLY D 190 -0.41 47.48 -1.89
N SER D 191 -1.59 46.86 -1.90
CA SER D 191 -1.89 45.80 -2.91
C SER D 191 -2.18 46.39 -4.27
N ALA D 192 -1.29 46.12 -5.20
CA ALA D 192 -1.54 46.54 -6.58
C ALA D 192 -2.76 45.74 -7.07
N LYS D 193 -3.27 44.82 -6.24
CA LYS D 193 -4.39 43.95 -6.70
C LYS D 193 -5.66 44.26 -5.91
N HIS D 194 -6.81 43.82 -6.41
CA HIS D 194 -8.10 44.16 -5.77
C HIS D 194 -8.96 42.91 -5.66
N GLY D 195 -9.82 42.87 -4.65
CA GLY D 195 -10.61 41.65 -4.37
C GLY D 195 -10.07 40.93 -3.16
N LEU D 196 -10.76 39.89 -2.72
CA LEU D 196 -10.36 39.14 -1.50
C LEU D 196 -9.23 38.16 -1.82
N TYR D 197 -8.10 38.35 -1.19
CA TYR D 197 -6.98 37.42 -1.30
C TYR D 197 -6.59 36.88 0.08
N LEU D 198 -6.20 35.61 0.13
CA LEU D 198 -5.75 34.98 1.36
C LEU D 198 -4.36 34.36 1.19
N PRO D 199 -3.57 34.30 2.28
CA PRO D 199 -2.24 33.68 2.19
C PRO D 199 -2.34 32.20 1.87
N THR D 200 -1.46 31.75 0.96
CA THR D 200 -1.36 30.33 0.64
C THR D 200 0.05 29.76 0.79
N ARG D 201 1.09 30.61 0.77
CA ARG D 201 2.48 30.16 0.92
C ARG D 201 3.27 31.26 1.59
N VAL D 202 4.25 30.85 2.41
CA VAL D 202 5.23 31.77 2.97
C VAL D 202 6.59 31.09 2.92
N THR D 203 7.56 31.72 2.27
CA THR D 203 8.85 31.07 2.09
C THR D 203 9.62 30.94 3.41
N ALA D 204 9.65 32.00 4.21
CA ALA D 204 10.39 31.91 5.46
C ALA D 204 9.89 32.95 6.45
N ILE D 205 9.81 32.57 7.73
CA ILE D 205 9.51 33.50 8.81
C ILE D 205 10.52 33.29 9.93
N HIS D 206 11.19 34.36 10.34
CA HIS D 206 12.09 34.33 11.48
C HIS D 206 11.46 35.15 12.60
N ILE D 207 11.49 34.61 13.82
CA ILE D 207 11.02 35.33 15.00
C ILE D 207 12.10 35.25 16.07
N ASP D 208 12.52 36.40 16.59
CA ASP D 208 13.44 36.45 17.71
C ASP D 208 12.85 37.34 18.80
N PRO D 209 12.27 36.75 19.86
CA PRO D 209 11.65 37.57 20.91
C PRO D 209 12.60 38.55 21.59
N ALA D 210 13.89 38.24 21.69
CA ALA D 210 14.85 39.15 22.33
C ALA D 210 15.00 40.43 21.51
N THR D 211 15.20 40.29 20.20
CA THR D 211 15.22 41.45 19.32
C THR D 211 13.90 42.20 19.35
N HIS D 212 12.79 41.46 19.39
CA HIS D 212 11.48 42.09 19.48
C HIS D 212 11.41 43.06 20.65
N ARG D 213 11.89 42.62 21.81
CA ARG D 213 11.84 43.49 22.99
CA ARG D 213 11.85 43.48 23.00
C ARG D 213 12.68 44.73 22.79
N GLN D 214 13.85 44.59 22.14
CA GLN D 214 14.68 45.78 21.91
C GLN D 214 14.11 46.73 20.86
N LYS D 215 13.30 46.26 19.93
CA LYS D 215 12.75 47.12 18.89
C LYS D 215 11.48 47.86 19.30
N LEU D 216 10.84 47.42 20.38
CA LEU D 216 9.67 48.12 20.88
C LEU D 216 10.04 49.48 21.45
N TYR D 217 9.14 50.45 21.28
CA TYR D 217 9.28 51.74 21.94
C TYR D 217 7.89 52.24 22.33
N THR D 218 7.87 53.25 23.20
CA THR D 218 6.68 53.66 23.91
C THR D 218 6.20 55.03 23.45
N LEU D 219 4.89 55.17 23.27
CA LEU D 219 4.25 56.43 22.92
C LEU D 219 3.84 57.20 24.18
N GLN D 220 3.34 58.42 23.97
CA GLN D 220 3.00 59.30 25.08
C GLN D 220 1.93 58.71 25.99
N ASP D 221 0.92 58.04 25.41
CA ASP D 221 -0.14 57.40 26.19
C ASP D 221 0.25 56.02 26.71
N LYS D 222 1.54 55.67 26.68
CA LYS D 222 2.16 54.44 27.17
C LYS D 222 1.95 53.21 26.31
N ALA D 223 1.28 53.32 25.15
CA ALA D 223 1.20 52.19 24.23
C ALA D 223 2.59 51.86 23.66
N GLN D 224 2.83 50.57 23.44
CA GLN D 224 4.05 50.14 22.79
C GLN D 224 3.81 49.87 21.31
N VAL D 225 4.81 50.17 20.49
CA VAL D 225 4.72 50.04 19.04
C VAL D 225 6.05 49.56 18.50
N ALA D 226 6.01 49.07 17.27
CA ALA D 226 7.20 48.76 16.49
C ALA D 226 7.02 49.31 15.08
N ASP D 227 8.12 49.75 14.50
CA ASP D 227 8.10 50.22 13.13
C ASP D 227 8.04 49.02 12.18
N VAL D 228 7.24 49.13 11.12
CA VAL D 228 7.11 48.08 10.12
C VAL D 228 7.57 48.63 8.79
N VAL D 229 8.26 47.79 8.02
CA VAL D 229 8.75 48.09 6.68
C VAL D 229 8.34 46.96 5.74
N VAL D 230 7.87 47.33 4.55
CA VAL D 230 7.55 46.35 3.49
C VAL D 230 8.41 46.64 2.25
N SER D 231 9.30 45.74 1.86
CA SER D 231 10.19 45.89 0.67
C SER D 231 9.77 44.91 -0.42
N ARG D 232 9.41 45.39 -1.59
CA ARG D 232 9.08 44.48 -2.71
C ARG D 232 10.36 44.04 -3.43
N TRP D 233 11.43 44.84 -3.32
CA TRP D 233 12.69 44.37 -3.92
C TRP D 233 13.05 43.05 -3.26
N LEU D 234 12.47 42.80 -2.09
CA LEU D 234 12.88 41.55 -1.44
C LEU D 234 11.64 40.75 -1.06
N ARG D 235 10.46 41.20 -1.44
CA ARG D 235 9.23 40.50 -0.98
C ARG D 235 9.39 40.18 0.51
N VAL D 236 9.70 41.20 1.31
CA VAL D 236 9.95 41.00 2.77
C VAL D 236 9.16 42.03 3.57
N THR D 237 8.64 41.62 4.73
CA THR D 237 7.94 42.53 5.67
C THR D 237 8.60 42.33 7.03
N VAL D 238 9.12 43.39 7.63
CA VAL D 238 9.85 43.30 8.88
C VAL D 238 9.24 44.27 9.87
N ALA D 239 9.07 43.79 11.10
CA ALA D 239 8.56 44.64 12.17
C ALA D 239 8.92 43.99 13.49
N GLY D 240 9.49 44.78 14.40
CA GLY D 240 9.95 44.23 15.66
C GLY D 240 10.95 43.11 15.45
N GLY D 241 10.72 41.98 16.11
CA GLY D 241 11.56 40.83 15.91
C GLY D 241 10.92 39.79 15.02
N VAL D 242 10.14 40.23 14.03
CA VAL D 242 9.48 39.33 13.07
C VAL D 242 9.91 39.72 11.67
N HIS D 243 10.35 38.71 10.91
CA HIS D 243 10.83 38.87 9.54
C HIS D 243 10.07 37.87 8.67
N ILE D 244 9.27 38.37 7.73
CA ILE D 244 8.43 37.55 6.88
C ILE D 244 8.93 37.69 5.44
N SER D 245 9.29 36.57 4.82
CA SER D 245 9.88 36.53 3.49
C SER D 245 9.06 35.64 2.58
N GLY D 246 8.70 36.17 1.42
CA GLY D 246 8.03 35.39 0.39
C GLY D 246 6.58 35.07 0.67
N LEU D 247 5.82 36.02 1.21
CA LEU D 247 4.37 35.79 1.39
C LEU D 247 3.67 35.79 0.04
N HIS D 248 2.85 34.77 -0.20
CA HIS D 248 2.10 34.69 -1.47
C HIS D 248 0.62 34.58 -1.13
N THR D 249 -0.16 35.41 -1.79
CA THR D 249 -1.61 35.40 -1.55
C THR D 249 -2.31 35.04 -2.85
N GLU D 250 -3.48 34.44 -2.73
CA GLU D 250 -4.22 34.01 -3.93
C GLU D 250 -5.70 34.35 -3.76
N SER D 251 -6.43 34.36 -4.86
CA SER D 251 -7.85 34.79 -4.85
C SER D 251 -8.73 33.77 -4.14
N ALA D 252 -9.74 34.26 -3.44
CA ALA D 252 -10.66 33.36 -2.70
C ALA D 252 -12.08 33.93 -2.78
I IOD E . -9.10 -16.45 -20.99
I IOD F . -7.59 -10.75 -33.88
I IOD G . 16.52 -5.14 -9.48
I IOD H . 8.48 -11.38 0.48
I IOD I . -15.74 -5.37 16.35
I IOD J . -16.31 -13.21 28.04
I IOD K . -5.62 34.91 7.09
#